data_6RLE
#
_entry.id   6RLE
#
_cell.length_a   132.818
_cell.length_b   223.453
_cell.length_c   86.557
_cell.angle_alpha   90.00
_cell.angle_beta   90.00
_cell.angle_gamma   90.00
#
_symmetry.space_group_name_H-M   'C 2 2 2'
#
loop_
_entity.id
_entity.type
_entity.pdbx_description
1 polymer 'Amine oxidase [flavin-containing] B'
2 non-polymer 'FLAVIN-ADENINE DINUCLEOTIDE'
3 non-polymer 4-[2-(4-propan-2-ylphenyl)ethyl]-1-[(~{E})-prop-1-enyl]piperidine
4 non-polymer N-DODECYL-N,N-DIMETHYL-3-AMMONIO-1-PROPANESULFONATE
5 non-polymer GLYCEROL
6 water water
#
_entity_poly.entity_id   1
_entity_poly.type   'polypeptide(L)'
_entity_poly.pdbx_seq_one_letter_code
;MSNKCDVVVVGGGISGMAAAKLLHDSGLNVVVLEARDRVGGRTYTLRNQKVKYVDLGGSYVGPTQNRILRLAKELGLETY
KVNEVERLIHHVKGKSYPFRGPFPPVWNPITYLDHNNFWRTMDDMGREIPSDAPWKAPLAEEWDNMTMKELLDKLCWTES
AKQLATLFVNLCVTAETHEVSALWFLWYVKQCGGTTRIISTTNGGQERKFVGGSGQVSERIMDLLGDRVKLERPVIYIDQ
TRENVLVETLNHEMYEAKYVISAIPPTLGMKIHFNPPLPMMRNQMITRVPLGSVIKCIVYYKEPFWRKKDYCGTMIIDGE
EAPVAYTLDDTKPEGNYAAIMGFILAHKARKLARLTKEERLKKLCELYAKVLGSLEALEPVHYEEKNWCEEQYSGGCYTT
YFPPGILTQYGRVLRQPVDRIYFAGTETATHWSGYMEGAVEAGERAAREILHAMGKIPEDEIWQSEPESVDVPAQPITTT
FLERHLPSVPGLLRLIGLTTIFSATALGFLAHKRGLLVRV
;
_entity_poly.pdbx_strand_id   A,B
#
# COMPACT_ATOMS: atom_id res chain seq x y z
N ASN A 3 28.89 -19.27 6.13
CA ASN A 3 29.13 -18.49 7.38
C ASN A 3 29.65 -17.09 7.00
N LYS A 4 30.94 -16.98 6.65
CA LYS A 4 31.62 -15.66 6.49
C LYS A 4 31.84 -15.33 5.01
N CYS A 5 31.56 -14.08 4.63
CA CYS A 5 31.89 -13.57 3.27
C CYS A 5 31.97 -12.03 3.25
N ASP A 6 32.22 -11.48 2.06
CA ASP A 6 32.35 -10.05 1.87
C ASP A 6 30.96 -9.42 1.73
N VAL A 7 30.09 -10.02 0.91
CA VAL A 7 28.75 -9.50 0.64
C VAL A 7 27.76 -10.65 0.54
N VAL A 8 26.68 -10.51 1.30
CA VAL A 8 25.53 -11.35 1.18
C VAL A 8 24.51 -10.60 0.32
N VAL A 9 24.04 -11.28 -0.74
CA VAL A 9 22.95 -10.80 -1.59
C VAL A 9 21.67 -11.55 -1.19
N VAL A 10 20.65 -10.80 -0.76
CA VAL A 10 19.36 -11.35 -0.46
C VAL A 10 18.52 -11.31 -1.74
N GLY A 11 18.29 -12.49 -2.32
CA GLY A 11 17.42 -12.70 -3.47
C GLY A 11 18.22 -13.14 -4.68
N GLY A 12 17.75 -14.19 -5.34
CA GLY A 12 18.43 -14.79 -6.50
C GLY A 12 17.64 -14.64 -7.79
N GLY A 13 16.92 -13.52 -7.94
CA GLY A 13 16.37 -13.09 -9.23
C GLY A 13 17.47 -12.48 -10.07
N ILE A 14 17.10 -11.95 -11.24
CA ILE A 14 18.07 -11.40 -12.19
C ILE A 14 18.92 -10.31 -11.51
N SER A 15 18.30 -9.45 -10.71
CA SER A 15 19.03 -8.33 -10.06
C SER A 15 20.07 -8.85 -9.05
N GLY A 16 19.66 -9.79 -8.20
CA GLY A 16 20.55 -10.40 -7.24
C GLY A 16 21.73 -11.11 -7.90
N MET A 17 21.44 -11.88 -8.94
CA MET A 17 22.43 -12.73 -9.60
C MET A 17 23.36 -11.85 -10.45
N ALA A 18 22.85 -10.72 -10.96
CA ALA A 18 23.66 -9.76 -11.70
C ALA A 18 24.65 -9.07 -10.75
N ALA A 19 24.18 -8.74 -9.54
CA ALA A 19 24.99 -8.12 -8.49
C ALA A 19 26.09 -9.08 -8.03
N ALA A 20 25.68 -10.29 -7.64
CA ALA A 20 26.63 -11.30 -7.21
C ALA A 20 27.69 -11.53 -8.29
N LYS A 21 27.28 -11.62 -9.56
CA LYS A 21 28.18 -11.99 -10.63
C LYS A 21 29.26 -10.92 -10.79
N LEU A 22 28.87 -9.64 -10.69
CA LEU A 22 29.80 -8.52 -10.81
C LEU A 22 30.79 -8.50 -9.63
N LEU A 23 30.28 -8.70 -8.40
CA LEU A 23 31.08 -8.71 -7.16
C LEU A 23 32.06 -9.89 -7.17
N HIS A 24 31.59 -11.04 -7.65
CA HIS A 24 32.40 -12.26 -7.77
C HIS A 24 33.50 -12.08 -8.84
N ASP A 25 33.14 -11.43 -9.95
CA ASP A 25 34.08 -11.17 -11.07
C ASP A 25 35.16 -10.15 -10.65
N SER A 26 34.87 -9.36 -9.62
CA SER A 26 35.79 -8.34 -9.12
C SER A 26 36.70 -8.90 -8.00
N GLY A 27 36.47 -10.16 -7.56
CA GLY A 27 37.37 -10.85 -6.62
C GLY A 27 36.84 -11.00 -5.20
N LEU A 28 35.60 -10.58 -4.92
CA LEU A 28 35.03 -10.73 -3.57
C LEU A 28 34.36 -12.09 -3.44
N ASN A 29 34.24 -12.53 -2.18
CA ASN A 29 33.48 -13.71 -1.81
C ASN A 29 32.04 -13.26 -1.50
N VAL A 30 31.09 -13.78 -2.30
CA VAL A 30 29.67 -13.45 -2.15
C VAL A 30 28.87 -14.70 -1.84
N VAL A 31 27.74 -14.47 -1.18
CA VAL A 31 26.74 -15.47 -1.02
C VAL A 31 25.41 -14.88 -1.48
N VAL A 32 24.65 -15.70 -2.20
CA VAL A 32 23.25 -15.41 -2.58
C VAL A 32 22.34 -16.33 -1.77
N LEU A 33 21.52 -15.70 -0.94
CA LEU A 33 20.50 -16.36 -0.17
C LEU A 33 19.15 -16.15 -0.88
N GLU A 34 18.52 -17.28 -1.22
CA GLU A 34 17.35 -17.34 -2.07
C GLU A 34 16.31 -18.19 -1.35
N ALA A 35 15.11 -17.60 -1.15
CA ALA A 35 13.97 -18.20 -0.44
C ALA A 35 13.47 -19.49 -1.10
N ARG A 36 13.29 -19.48 -2.42
CA ARG A 36 12.67 -20.58 -3.18
C ARG A 36 13.67 -21.70 -3.45
N ASP A 37 13.15 -22.84 -3.94
CA ASP A 37 13.97 -23.97 -4.38
C ASP A 37 14.63 -23.70 -5.75
N ARG A 38 14.62 -22.45 -6.23
CA ARG A 38 15.10 -22.11 -7.59
C ARG A 38 15.54 -20.64 -7.63
N VAL A 39 16.30 -20.30 -8.67
CA VAL A 39 16.66 -18.93 -8.96
C VAL A 39 15.68 -18.41 -10.03
N GLY A 40 15.79 -17.14 -10.40
CA GLY A 40 14.96 -16.57 -11.47
C GLY A 40 13.94 -15.56 -10.96
N GLY A 41 13.25 -15.91 -9.86
CA GLY A 41 12.27 -15.05 -9.22
C GLY A 41 11.05 -14.82 -10.08
N ARG A 42 10.89 -13.58 -10.56
CA ARG A 42 9.74 -13.21 -11.42
C ARG A 42 10.00 -13.64 -12.88
N THR A 43 11.14 -14.30 -13.14
CA THR A 43 11.29 -15.12 -14.33
C THR A 43 11.22 -16.58 -13.89
N TYR A 44 10.65 -17.39 -14.76
CA TYR A 44 10.51 -18.81 -14.56
C TYR A 44 10.23 -19.44 -15.91
N THR A 45 11.09 -20.38 -16.30
CA THR A 45 10.94 -21.12 -17.51
C THR A 45 10.57 -22.57 -17.17
N LEU A 46 9.32 -22.93 -17.46
CA LEU A 46 8.80 -24.30 -17.36
C LEU A 46 9.25 -25.12 -18.58
N ARG A 47 9.75 -26.34 -18.33
CA ARG A 47 10.17 -27.30 -19.37
C ARG A 47 9.41 -28.63 -19.16
N ASN A 48 8.66 -29.03 -20.18
CA ASN A 48 8.05 -30.39 -20.29
C ASN A 48 8.06 -30.77 -21.78
N GLN A 49 7.54 -31.95 -22.11
CA GLN A 49 7.56 -32.44 -23.49
C GLN A 49 6.49 -31.72 -24.33
N LYS A 50 5.42 -31.26 -23.68
CA LYS A 50 4.28 -30.68 -24.40
C LYS A 50 4.62 -29.26 -24.90
N VAL A 51 5.50 -28.53 -24.20
CA VAL A 51 5.80 -27.09 -24.50
C VAL A 51 7.28 -26.89 -24.91
N LYS A 52 8.11 -27.90 -24.63
CA LYS A 52 9.59 -27.89 -24.71
C LYS A 52 10.18 -26.94 -23.67
N TYR A 53 9.94 -25.63 -23.85
CA TYR A 53 10.16 -24.61 -22.82
C TYR A 53 9.11 -23.51 -22.96
N VAL A 54 8.80 -22.83 -21.85
CA VAL A 54 7.91 -21.65 -21.87
C VAL A 54 8.20 -20.74 -20.66
N ASP A 55 8.27 -19.43 -20.94
CA ASP A 55 8.39 -18.37 -19.96
C ASP A 55 7.01 -18.09 -19.34
N LEU A 56 6.86 -18.42 -18.06
CA LEU A 56 5.61 -18.14 -17.31
C LEU A 56 5.69 -16.79 -16.59
N GLY A 57 6.86 -16.16 -16.58
CA GLY A 57 7.04 -14.83 -15.97
C GLY A 57 7.64 -13.88 -16.98
N GLY A 58 8.63 -13.09 -16.54
CA GLY A 58 9.36 -12.18 -17.43
C GLY A 58 9.88 -12.91 -18.66
N SER A 59 9.83 -12.23 -19.81
CA SER A 59 9.98 -12.88 -21.11
C SER A 59 10.59 -11.96 -22.17
N TYR A 60 9.94 -10.81 -22.42
CA TYR A 60 10.27 -9.99 -23.57
C TYR A 60 11.46 -9.09 -23.27
N VAL A 61 12.25 -8.84 -24.31
CA VAL A 61 13.29 -7.83 -24.35
C VAL A 61 13.18 -7.10 -25.69
N GLY A 62 13.83 -5.94 -25.77
CA GLY A 62 13.79 -5.13 -26.97
C GLY A 62 14.94 -4.13 -27.03
N PRO A 63 15.02 -3.34 -28.13
CA PRO A 63 16.02 -2.28 -28.27
C PRO A 63 15.97 -1.29 -27.09
N THR A 64 17.16 -0.75 -26.76
CA THR A 64 17.44 0.16 -25.63
C THR A 64 17.63 -0.63 -24.32
N GLN A 65 17.33 -1.93 -24.30
CA GLN A 65 17.51 -2.74 -23.09
C GLN A 65 18.89 -3.42 -23.16
N ASN A 66 19.94 -2.60 -23.20
CA ASN A 66 21.26 -3.03 -23.62
C ASN A 66 21.98 -3.88 -22.54
N ARG A 67 21.69 -3.64 -21.25
CA ARG A 67 22.35 -4.35 -20.14
C ARG A 67 21.90 -5.82 -20.08
N ILE A 68 20.59 -6.08 -20.11
CA ILE A 68 20.11 -7.48 -20.09
C ILE A 68 20.60 -8.22 -21.35
N LEU A 69 20.66 -7.54 -22.50
CA LEU A 69 21.11 -8.17 -23.77
C LEU A 69 22.62 -8.50 -23.69
N ARG A 70 23.43 -7.63 -23.08
CA ARG A 70 24.88 -7.91 -22.92
C ARG A 70 25.05 -9.10 -21.94
N LEU A 71 24.30 -9.10 -20.84
CA LEU A 71 24.45 -10.15 -19.83
C LEU A 71 24.03 -11.51 -20.41
N ALA A 72 22.91 -11.51 -21.13
CA ALA A 72 22.38 -12.73 -21.71
C ALA A 72 23.37 -13.28 -22.76
N LYS A 73 23.98 -12.37 -23.54
CA LYS A 73 24.89 -12.76 -24.61
C LYS A 73 26.21 -13.25 -23.99
N GLU A 74 26.63 -12.65 -22.88
CA GLU A 74 27.84 -13.06 -22.20
C GLU A 74 27.66 -14.46 -21.59
N LEU A 75 26.41 -14.86 -21.32
CA LEU A 75 26.10 -16.15 -20.75
C LEU A 75 25.82 -17.18 -21.86
N GLY A 76 26.03 -16.79 -23.13
CA GLY A 76 25.83 -17.66 -24.29
C GLY A 76 24.39 -17.80 -24.77
N LEU A 77 23.50 -16.84 -24.45
CA LEU A 77 22.06 -16.90 -24.89
C LEU A 77 21.86 -16.12 -26.20
N GLU A 78 20.78 -16.46 -26.88
CA GLU A 78 20.38 -15.84 -28.11
C GLU A 78 18.92 -15.42 -27.98
N THR A 79 18.54 -14.38 -28.77
CA THR A 79 17.19 -13.91 -28.88
C THR A 79 16.62 -14.30 -30.25
N TYR A 80 15.29 -14.25 -30.35
CA TYR A 80 14.55 -14.35 -31.61
C TYR A 80 13.37 -13.36 -31.57
N LYS A 81 12.87 -13.00 -32.76
CA LYS A 81 11.85 -11.99 -32.91
C LYS A 81 10.47 -12.58 -32.67
N VAL A 82 9.67 -11.90 -31.85
CA VAL A 82 8.26 -12.23 -31.70
C VAL A 82 7.58 -11.98 -33.06
N ASN A 83 6.58 -12.80 -33.40
CA ASN A 83 5.92 -12.70 -34.70
C ASN A 83 5.02 -11.46 -34.77
N GLU A 84 5.34 -10.55 -35.70
CA GLU A 84 4.52 -9.37 -36.04
C GLU A 84 4.53 -9.16 -37.57
N VAL A 85 4.63 -10.26 -38.33
CA VAL A 85 4.63 -10.23 -39.77
C VAL A 85 3.22 -9.83 -40.25
N GLU A 86 2.19 -10.53 -39.78
CA GLU A 86 0.84 -10.31 -40.27
C GLU A 86 0.18 -9.21 -39.43
N ARG A 87 -1.15 -9.08 -39.51
CA ARG A 87 -1.87 -7.94 -38.98
C ARG A 87 -2.14 -8.13 -37.48
N LEU A 88 -2.11 -7.02 -36.74
CA LEU A 88 -2.56 -6.94 -35.38
C LEU A 88 -4.09 -6.83 -35.44
N ILE A 89 -4.76 -7.09 -34.33
CA ILE A 89 -6.21 -6.96 -34.19
C ILE A 89 -6.51 -6.04 -33.00
N HIS A 90 -7.42 -5.08 -33.21
CA HIS A 90 -8.02 -4.30 -32.17
C HIS A 90 -9.49 -4.74 -32.04
N HIS A 91 -9.83 -5.39 -30.93
CA HIS A 91 -11.17 -5.87 -30.72
C HIS A 91 -11.86 -4.93 -29.73
N VAL A 92 -12.91 -4.25 -30.19
CA VAL A 92 -13.62 -3.25 -29.43
C VAL A 92 -15.11 -3.36 -29.78
N LYS A 93 -15.96 -3.39 -28.75
CA LYS A 93 -17.43 -3.46 -28.83
C LYS A 93 -17.84 -4.69 -29.67
N GLY A 94 -17.16 -5.81 -29.43
CA GLY A 94 -17.53 -7.11 -29.96
C GLY A 94 -17.12 -7.34 -31.41
N LYS A 95 -16.22 -6.51 -31.98
CA LYS A 95 -15.77 -6.67 -33.35
C LYS A 95 -14.24 -6.51 -33.47
N SER A 96 -13.64 -7.18 -34.46
CA SER A 96 -12.22 -7.13 -34.67
C SER A 96 -11.92 -6.22 -35.86
N TYR A 97 -10.90 -5.37 -35.71
CA TYR A 97 -10.44 -4.42 -36.72
C TYR A 97 -8.94 -4.65 -36.93
N PRO A 98 -8.54 -5.33 -38.02
CA PRO A 98 -7.13 -5.60 -38.27
C PRO A 98 -6.38 -4.30 -38.60
N PHE A 99 -5.08 -4.26 -38.33
CA PHE A 99 -4.28 -3.07 -38.57
C PHE A 99 -2.79 -3.41 -38.55
N ARG A 100 -1.97 -2.39 -38.88
CA ARG A 100 -0.50 -2.50 -38.94
C ARG A 100 0.12 -1.29 -38.23
N GLY A 101 1.35 -1.45 -37.76
CA GLY A 101 2.03 -0.41 -37.01
C GLY A 101 1.63 -0.48 -35.54
N PRO A 102 2.32 0.27 -34.64
CA PRO A 102 2.17 0.04 -33.21
C PRO A 102 0.78 0.40 -32.65
N PHE A 103 0.19 1.52 -33.11
CA PHE A 103 -1.03 2.06 -32.53
C PHE A 103 -2.24 1.66 -33.34
N PRO A 104 -3.33 1.19 -32.69
CA PRO A 104 -4.60 0.98 -33.36
C PRO A 104 -5.07 2.29 -33.99
N PRO A 105 -5.34 2.31 -35.31
CA PRO A 105 -5.73 3.53 -35.99
C PRO A 105 -7.18 3.89 -35.62
N VAL A 106 -7.56 5.13 -35.92
CA VAL A 106 -8.88 5.57 -35.68
C VAL A 106 -9.24 6.53 -36.82
N TRP A 107 -10.52 6.54 -37.22
CA TRP A 107 -10.93 7.20 -38.45
C TRP A 107 -11.67 8.51 -38.16
N ASN A 108 -12.60 8.50 -37.20
CA ASN A 108 -13.37 9.65 -36.81
C ASN A 108 -12.45 10.81 -36.42
N PRO A 109 -12.46 11.95 -37.15
CA PRO A 109 -11.49 13.02 -36.90
C PRO A 109 -11.44 13.57 -35.47
N ILE A 110 -12.60 13.76 -34.82
CA ILE A 110 -12.60 14.26 -33.44
C ILE A 110 -11.82 13.26 -32.58
N THR A 111 -12.18 11.98 -32.72
CA THR A 111 -11.55 10.88 -32.01
C THR A 111 -10.06 10.78 -32.38
N TYR A 112 -9.71 11.11 -33.63
CA TYR A 112 -8.30 11.04 -34.07
C TYR A 112 -7.49 12.08 -33.29
N LEU A 113 -8.01 13.29 -33.17
CA LEU A 113 -7.35 14.39 -32.44
C LEU A 113 -7.18 14.03 -30.96
N ASP A 114 -8.17 13.35 -30.37
CA ASP A 114 -8.17 13.04 -28.95
C ASP A 114 -7.14 11.94 -28.65
N HIS A 115 -7.06 10.95 -29.54
CA HIS A 115 -6.09 9.86 -29.44
C HIS A 115 -4.66 10.40 -29.62
N ASN A 116 -4.46 11.25 -30.63
CA ASN A 116 -3.17 11.81 -30.90
C ASN A 116 -2.70 12.59 -29.67
N ASN A 117 -3.62 13.32 -29.05
CA ASN A 117 -3.29 14.23 -27.96
C ASN A 117 -3.03 13.44 -26.67
N PHE A 118 -3.76 12.34 -26.45
CA PHE A 118 -3.51 11.50 -25.30
C PHE A 118 -2.04 11.07 -25.31
N TRP A 119 -1.60 10.41 -26.39
CA TRP A 119 -0.27 9.79 -26.44
C TRP A 119 0.82 10.86 -26.28
N ARG A 120 0.64 11.96 -27.01
CA ARG A 120 1.54 13.10 -27.05
C ARG A 120 1.65 13.70 -25.65
N THR A 121 0.52 13.80 -24.94
CA THR A 121 0.54 14.42 -23.60
C THR A 121 1.27 13.52 -22.59
N MET A 122 1.06 12.20 -22.69
CA MET A 122 1.81 11.27 -21.85
C MET A 122 3.29 11.59 -21.97
N ASP A 123 3.79 11.61 -23.21
CA ASP A 123 5.20 11.85 -23.48
C ASP A 123 5.55 13.31 -23.10
N ASP A 124 4.65 14.27 -23.32
CA ASP A 124 4.90 15.70 -22.93
C ASP A 124 5.14 15.82 -21.41
N MET A 125 4.25 15.23 -20.61
CA MET A 125 4.36 15.33 -19.14
C MET A 125 5.59 14.55 -18.68
N GLY A 126 5.91 13.49 -19.43
CA GLY A 126 7.05 12.62 -19.17
C GLY A 126 8.36 13.38 -19.14
N ARG A 127 8.52 14.33 -20.08
CA ARG A 127 9.77 15.11 -20.25
C ARG A 127 10.02 16.07 -19.08
N GLU A 128 8.98 16.33 -18.30
CA GLU A 128 9.07 17.19 -17.15
C GLU A 128 9.62 16.43 -15.93
N ILE A 129 9.76 15.10 -16.06
CA ILE A 129 9.94 14.18 -14.93
C ILE A 129 11.33 13.56 -15.04
N PRO A 130 12.29 13.90 -14.15
CA PRO A 130 13.62 13.27 -14.22
C PRO A 130 13.54 11.76 -13.95
N SER A 131 14.24 10.95 -14.75
CA SER A 131 14.30 9.50 -14.58
C SER A 131 14.78 9.11 -13.16
N ASP A 132 15.81 9.81 -12.71
CA ASP A 132 16.54 9.43 -11.54
C ASP A 132 15.90 10.05 -10.29
N ALA A 133 14.88 10.89 -10.44
CA ALA A 133 14.29 11.64 -9.29
C ALA A 133 12.90 12.15 -9.67
N PRO A 134 11.89 11.27 -9.83
CA PRO A 134 10.59 11.70 -10.33
C PRO A 134 9.94 12.80 -9.48
N TRP A 135 10.24 12.78 -8.18
CA TRP A 135 9.67 13.68 -7.18
C TRP A 135 10.19 15.12 -7.38
N LYS A 136 11.12 15.32 -8.32
CA LYS A 136 11.68 16.63 -8.62
C LYS A 136 10.97 17.31 -9.80
N ALA A 137 10.03 16.63 -10.46
CA ALA A 137 9.26 17.27 -11.56
C ALA A 137 8.62 18.53 -11.01
N PRO A 138 8.59 19.66 -11.74
CA PRO A 138 8.00 20.89 -11.22
C PRO A 138 6.58 20.77 -10.61
N LEU A 139 5.74 19.89 -11.16
CA LEU A 139 4.37 19.71 -10.64
C LEU A 139 4.24 18.34 -10.00
N ALA A 140 5.32 17.85 -9.38
CA ALA A 140 5.37 16.50 -8.88
C ALA A 140 4.16 16.27 -7.96
N GLU A 141 3.98 17.17 -7.00
CA GLU A 141 2.93 17.12 -6.00
C GLU A 141 1.53 17.01 -6.64
N GLU A 142 1.18 18.00 -7.48
CA GLU A 142 -0.15 18.02 -8.17
C GLU A 142 -0.43 16.69 -8.87
N TRP A 143 0.57 16.10 -9.54
CA TRP A 143 0.39 14.88 -10.34
C TRP A 143 0.41 13.64 -9.46
N ASP A 144 1.17 13.68 -8.37
CA ASP A 144 1.26 12.54 -7.45
C ASP A 144 -0.01 12.46 -6.61
N ASN A 145 -0.75 13.56 -6.50
CA ASN A 145 -1.98 13.60 -5.70
C ASN A 145 -3.20 13.20 -6.53
N MET A 146 -2.94 12.59 -7.71
CA MET A 146 -3.92 12.25 -8.70
C MET A 146 -3.78 10.78 -9.02
N THR A 147 -4.91 10.10 -9.25
CA THR A 147 -4.87 8.77 -9.88
C THR A 147 -4.77 8.95 -11.40
N MET A 148 -4.24 7.93 -12.09
CA MET A 148 -4.27 7.88 -13.53
C MET A 148 -5.73 8.02 -14.00
N LYS A 149 -6.68 7.48 -13.22
CA LYS A 149 -8.08 7.58 -13.62
C LYS A 149 -8.51 9.04 -13.73
N GLU A 150 -8.16 9.85 -12.73
CA GLU A 150 -8.53 11.25 -12.71
C GLU A 150 -7.89 11.97 -13.91
N LEU A 151 -6.62 11.65 -14.19
CA LEU A 151 -5.92 12.27 -15.28
C LEU A 151 -6.62 11.99 -16.62
N LEU A 152 -7.08 10.75 -16.82
CA LEU A 152 -7.76 10.34 -18.06
C LEU A 152 -9.15 10.97 -18.17
N ASP A 153 -9.83 11.16 -17.04
CA ASP A 153 -11.10 11.90 -16.99
C ASP A 153 -10.89 13.36 -17.49
N LYS A 154 -9.72 13.95 -17.24
CA LYS A 154 -9.43 15.35 -17.64
C LYS A 154 -8.97 15.44 -19.09
N LEU A 155 -8.25 14.42 -19.54
CA LEU A 155 -7.45 14.47 -20.76
C LEU A 155 -8.27 13.98 -21.96
N CYS A 156 -9.01 12.88 -21.78
CA CYS A 156 -9.68 12.16 -22.86
C CYS A 156 -11.10 12.72 -23.03
N TRP A 157 -11.33 13.38 -24.16
CA TRP A 157 -12.61 14.01 -24.50
C TRP A 157 -13.52 13.02 -25.25
N THR A 158 -13.03 11.80 -25.49
CA THR A 158 -13.80 10.75 -26.13
C THR A 158 -13.69 9.48 -25.28
N GLU A 159 -14.77 8.68 -25.29
CA GLU A 159 -14.80 7.43 -24.56
C GLU A 159 -13.84 6.45 -25.24
N SER A 160 -13.62 6.63 -26.54
CA SER A 160 -12.75 5.76 -27.31
C SER A 160 -11.30 5.88 -26.82
N ALA A 161 -10.85 7.13 -26.65
CA ALA A 161 -9.49 7.38 -26.15
C ALA A 161 -9.38 6.92 -24.68
N LYS A 162 -10.39 7.21 -23.87
CA LYS A 162 -10.37 6.88 -22.45
C LYS A 162 -10.37 5.36 -22.26
N GLN A 163 -11.16 4.65 -23.07
CA GLN A 163 -11.17 3.19 -23.02
C GLN A 163 -9.78 2.65 -23.41
N LEU A 164 -9.12 3.25 -24.41
CA LEU A 164 -7.85 2.68 -24.89
C LEU A 164 -6.74 2.98 -23.88
N ALA A 165 -6.78 4.21 -23.34
CA ALA A 165 -5.84 4.69 -22.30
C ALA A 165 -5.94 3.83 -21.03
N THR A 166 -7.16 3.41 -20.71
CA THR A 166 -7.38 2.56 -19.53
C THR A 166 -6.68 1.20 -19.72
N LEU A 167 -6.82 0.63 -20.91
CA LEU A 167 -6.23 -0.67 -21.25
C LEU A 167 -4.70 -0.58 -21.21
N PHE A 168 -4.15 0.50 -21.76
CA PHE A 168 -2.72 0.83 -21.74
C PHE A 168 -2.15 0.77 -20.33
N VAL A 169 -2.79 1.47 -19.40
CA VAL A 169 -2.34 1.45 -18.00
C VAL A 169 -2.40 0.02 -17.44
N ASN A 170 -3.57 -0.62 -17.50
CA ASN A 170 -3.77 -1.99 -16.96
C ASN A 170 -2.69 -2.93 -17.50
N LEU A 171 -2.46 -2.86 -18.80
CA LEU A 171 -1.61 -3.80 -19.45
C LEU A 171 -0.14 -3.51 -19.12
N CYS A 172 0.21 -2.23 -18.94
CA CYS A 172 1.60 -1.84 -18.64
C CYS A 172 2.01 -2.08 -17.17
N VAL A 173 1.09 -1.88 -16.21
CA VAL A 173 1.44 -1.91 -14.76
C VAL A 173 0.49 -2.85 -13.98
N THR A 174 -0.25 -3.70 -14.68
CA THR A 174 -1.17 -4.71 -14.07
C THR A 174 -1.95 -4.12 -12.89
N ALA A 175 -2.55 -2.96 -13.11
CA ALA A 175 -3.30 -2.28 -12.05
C ALA A 175 -4.35 -1.36 -12.67
N GLU A 176 -5.37 -1.05 -11.88
CA GLU A 176 -6.47 -0.22 -12.34
C GLU A 176 -5.98 1.22 -12.37
N THR A 177 -6.63 2.06 -13.18
CA THR A 177 -6.24 3.46 -13.32
C THR A 177 -6.43 4.20 -11.98
N HIS A 178 -7.44 3.78 -11.19
CA HIS A 178 -7.79 4.43 -9.89
C HIS A 178 -6.88 3.98 -8.74
N GLU A 179 -5.96 3.04 -8.97
CA GLU A 179 -5.03 2.50 -7.96
C GLU A 179 -3.68 3.23 -8.00
N VAL A 180 -3.31 3.80 -9.15
CA VAL A 180 -1.94 4.23 -9.35
C VAL A 180 -1.88 5.77 -9.41
N SER A 181 -0.74 6.30 -8.93
CA SER A 181 -0.36 7.70 -9.04
C SER A 181 -0.15 8.07 -10.51
N ALA A 182 -0.64 9.24 -10.91
CA ALA A 182 -0.41 9.78 -12.23
C ALA A 182 1.09 10.06 -12.40
N LEU A 183 1.74 10.68 -11.40
CA LEU A 183 3.20 11.00 -11.50
C LEU A 183 4.00 9.70 -11.68
N TRP A 184 3.64 8.68 -10.89
CA TRP A 184 4.37 7.45 -10.92
C TRP A 184 4.25 6.78 -12.30
N PHE A 185 3.02 6.76 -12.84
CA PHE A 185 2.76 6.08 -14.07
C PHE A 185 3.46 6.80 -15.23
N LEU A 186 3.32 8.12 -15.27
CA LEU A 186 4.01 8.99 -16.21
C LEU A 186 5.52 8.74 -16.13
N TRP A 187 6.05 8.57 -14.91
CA TRP A 187 7.48 8.31 -14.75
C TRP A 187 7.85 6.98 -15.41
N TYR A 188 7.06 5.96 -15.09
CA TYR A 188 7.33 4.60 -15.47
C TYR A 188 7.40 4.53 -17.00
N VAL A 189 6.46 5.22 -17.67
CA VAL A 189 6.39 5.19 -19.10
C VAL A 189 7.62 5.91 -19.66
N LYS A 190 7.94 7.08 -19.10
CA LYS A 190 9.04 7.91 -19.60
C LYS A 190 10.40 7.21 -19.41
N GLN A 191 10.61 6.51 -18.29
CA GLN A 191 11.92 5.87 -18.02
C GLN A 191 12.08 4.59 -18.84
N CYS A 192 11.04 4.10 -19.52
CA CYS A 192 11.19 3.07 -20.59
C CYS A 192 11.49 3.71 -21.97
N GLY A 193 11.52 5.04 -22.08
CA GLY A 193 11.76 5.72 -23.36
C GLY A 193 10.51 6.17 -24.10
N GLY A 194 9.33 6.13 -23.44
CA GLY A 194 8.11 6.75 -23.97
C GLY A 194 7.10 5.74 -24.51
N THR A 195 5.95 6.28 -24.94
CA THR A 195 4.79 5.49 -25.20
C THR A 195 5.06 4.53 -26.35
N THR A 196 5.59 5.05 -27.46
CA THR A 196 5.88 4.21 -28.60
C THR A 196 6.82 3.06 -28.21
N ARG A 197 7.89 3.36 -27.48
CA ARG A 197 8.88 2.32 -27.17
C ARG A 197 8.23 1.19 -26.35
N ILE A 198 7.35 1.56 -25.42
CA ILE A 198 6.84 0.61 -24.41
C ILE A 198 5.74 -0.29 -25.02
N ILE A 199 4.92 0.25 -25.93
CA ILE A 199 3.81 -0.50 -26.52
C ILE A 199 4.24 -1.31 -27.75
N SER A 200 5.43 -1.04 -28.31
CA SER A 200 5.79 -1.66 -29.61
C SER A 200 6.33 -3.08 -29.41
N THR A 201 6.10 -3.91 -30.43
CA THR A 201 6.81 -5.18 -30.62
C THR A 201 8.03 -4.88 -31.47
N THR A 202 7.81 -4.67 -32.78
CA THR A 202 8.86 -4.18 -33.67
C THR A 202 9.31 -2.82 -33.14
N ASN A 203 10.61 -2.72 -32.83
CA ASN A 203 11.29 -1.51 -32.45
C ASN A 203 10.95 -1.10 -30.99
N GLY A 204 10.38 -2.02 -30.19
CA GLY A 204 10.00 -1.73 -28.80
C GLY A 204 10.22 -2.91 -27.87
N GLY A 205 9.62 -2.80 -26.67
CA GLY A 205 9.86 -3.67 -25.52
C GLY A 205 9.55 -5.15 -25.75
N GLN A 206 8.69 -5.46 -26.74
CA GLN A 206 8.20 -6.81 -26.96
C GLN A 206 8.79 -7.44 -28.23
N GLU A 207 9.88 -6.88 -28.74
CA GLU A 207 10.44 -7.31 -30.03
C GLU A 207 10.87 -8.78 -29.96
N ARG A 208 11.43 -9.19 -28.81
CA ARG A 208 12.27 -10.39 -28.74
C ARG A 208 12.05 -11.18 -27.45
N LYS A 209 12.34 -12.48 -27.52
CA LYS A 209 12.45 -13.41 -26.40
C LYS A 209 13.80 -14.12 -26.51
N PHE A 210 14.24 -14.75 -25.42
CA PHE A 210 15.44 -15.58 -25.46
C PHE A 210 15.08 -17.00 -25.90
N VAL A 211 15.92 -17.56 -26.77
CA VAL A 211 15.90 -18.95 -27.15
C VAL A 211 16.12 -19.81 -25.88
N GLY A 212 15.06 -20.53 -25.50
CA GLY A 212 15.09 -21.51 -24.40
C GLY A 212 14.64 -20.89 -23.09
N GLY A 213 14.30 -19.60 -23.13
CA GLY A 213 13.65 -18.91 -22.01
C GLY A 213 14.60 -18.05 -21.20
N SER A 214 14.01 -17.09 -20.46
CA SER A 214 14.74 -16.06 -19.74
C SER A 214 15.27 -16.58 -18.40
N GLY A 215 14.70 -17.69 -17.92
CA GLY A 215 15.17 -18.37 -16.70
C GLY A 215 16.61 -18.85 -16.79
N GLN A 216 17.13 -19.02 -18.01
CA GLN A 216 18.50 -19.40 -18.24
C GLN A 216 19.46 -18.32 -17.71
N VAL A 217 19.05 -17.05 -17.70
CA VAL A 217 19.94 -15.96 -17.24
C VAL A 217 20.35 -16.27 -15.79
N SER A 218 19.36 -16.45 -14.92
CA SER A 218 19.61 -16.70 -13.53
C SER A 218 20.34 -18.04 -13.35
N GLU A 219 19.91 -19.07 -14.09
CA GLU A 219 20.42 -20.45 -13.97
C GLU A 219 21.92 -20.47 -14.30
N ARG A 220 22.34 -19.75 -15.35
CA ARG A 220 23.72 -19.80 -15.83
C ARG A 220 24.62 -18.99 -14.90
N ILE A 221 24.09 -17.91 -14.31
CA ILE A 221 24.84 -17.18 -13.29
C ILE A 221 25.04 -18.11 -12.07
N MET A 222 23.99 -18.87 -11.68
CA MET A 222 24.11 -19.84 -10.60
C MET A 222 25.22 -20.86 -10.91
N ASP A 223 25.34 -21.26 -12.20
CA ASP A 223 26.35 -22.22 -12.67
C ASP A 223 27.77 -21.67 -12.50
N LEU A 224 27.95 -20.35 -12.72
CA LEU A 224 29.25 -19.72 -12.52
C LEU A 224 29.57 -19.63 -11.03
N LEU A 225 28.54 -19.43 -10.20
CA LEU A 225 28.72 -19.15 -8.77
C LEU A 225 28.83 -20.45 -7.95
N GLY A 226 28.57 -21.62 -8.56
CA GLY A 226 28.60 -22.89 -7.84
C GLY A 226 27.84 -22.80 -6.53
N ASP A 227 28.46 -23.28 -5.44
CA ASP A 227 27.79 -23.47 -4.14
C ASP A 227 27.53 -22.12 -3.44
N ARG A 228 28.06 -21.00 -3.98
CA ARG A 228 27.88 -19.68 -3.38
C ARG A 228 26.39 -19.30 -3.33
N VAL A 229 25.55 -19.93 -4.18
CA VAL A 229 24.10 -19.73 -4.17
C VAL A 229 23.43 -20.77 -3.27
N LYS A 230 22.63 -20.29 -2.30
CA LYS A 230 21.96 -21.13 -1.33
C LYS A 230 20.45 -21.01 -1.51
N LEU A 231 19.85 -22.08 -2.05
CA LEU A 231 18.41 -22.22 -2.27
C LEU A 231 17.71 -22.63 -0.98
N GLU A 232 16.41 -22.30 -0.90
CA GLU A 232 15.56 -22.52 0.28
C GLU A 232 16.19 -21.87 1.52
N ARG A 233 16.70 -20.62 1.38
CA ARG A 233 17.20 -19.80 2.48
C ARG A 233 16.42 -18.50 2.57
N PRO A 234 15.15 -18.51 3.04
CA PRO A 234 14.41 -17.27 3.25
C PRO A 234 15.10 -16.50 4.38
N VAL A 235 15.51 -15.26 4.10
CA VAL A 235 16.13 -14.40 5.09
C VAL A 235 15.01 -13.83 5.98
N ILE A 236 15.22 -13.89 7.30
CA ILE A 236 14.22 -13.48 8.31
C ILE A 236 14.74 -12.33 9.18
N TYR A 237 16.05 -12.07 9.18
CA TYR A 237 16.66 -11.23 10.19
C TYR A 237 17.96 -10.65 9.66
N ILE A 238 18.09 -9.32 9.77
CA ILE A 238 19.33 -8.65 9.47
C ILE A 238 19.69 -7.77 10.67
N ASP A 239 20.92 -7.97 11.17
CA ASP A 239 21.46 -7.33 12.36
C ASP A 239 22.70 -6.52 11.98
N GLN A 240 22.64 -5.19 12.18
CA GLN A 240 23.75 -4.30 11.86
C GLN A 240 24.37 -3.69 13.14
N THR A 241 24.03 -4.21 14.33
CA THR A 241 24.46 -3.56 15.61
C THR A 241 25.97 -3.72 15.80
N ARG A 242 26.52 -4.85 15.33
CA ARG A 242 27.93 -5.20 15.55
C ARG A 242 28.77 -4.71 14.36
N GLU A 243 30.02 -5.20 14.29
CA GLU A 243 31.04 -4.76 13.31
C GLU A 243 30.79 -5.45 11.97
N ASN A 244 30.43 -6.73 12.01
CA ASN A 244 29.99 -7.49 10.85
C ASN A 244 28.45 -7.56 10.88
N VAL A 245 27.85 -7.48 9.68
CA VAL A 245 26.42 -7.62 9.46
C VAL A 245 26.08 -9.10 9.52
N LEU A 246 25.08 -9.43 10.34
CA LEU A 246 24.63 -10.79 10.53
C LEU A 246 23.26 -10.95 9.87
N VAL A 247 23.14 -11.95 9.00
CA VAL A 247 21.95 -12.25 8.22
C VAL A 247 21.52 -13.68 8.57
N GLU A 248 20.27 -13.82 9.04
CA GLU A 248 19.75 -15.07 9.57
C GLU A 248 18.66 -15.58 8.61
N THR A 249 18.66 -16.90 8.36
CA THR A 249 17.68 -17.52 7.47
C THR A 249 16.66 -18.31 8.30
N LEU A 250 15.57 -18.70 7.65
CA LEU A 250 14.46 -19.42 8.29
C LEU A 250 14.87 -20.85 8.70
N ASN A 251 15.94 -21.38 8.09
CA ASN A 251 16.44 -22.74 8.40
C ASN A 251 17.55 -22.66 9.45
N HIS A 252 17.61 -21.53 10.18
CA HIS A 252 18.49 -21.33 11.32
C HIS A 252 19.97 -21.39 10.89
N GLU A 253 20.32 -20.75 9.77
CA GLU A 253 21.70 -20.52 9.41
C GLU A 253 22.00 -19.04 9.62
N MET A 254 23.27 -18.76 9.88
CA MET A 254 23.80 -17.44 10.13
C MET A 254 24.83 -17.13 9.05
N TYR A 255 24.75 -15.92 8.49
CA TYR A 255 25.67 -15.42 7.51
C TYR A 255 26.16 -14.08 8.02
N GLU A 256 27.45 -13.81 7.79
CA GLU A 256 28.21 -12.73 8.37
C GLU A 256 28.93 -12.02 7.22
N ALA A 257 28.78 -10.69 7.12
CA ALA A 257 29.32 -10.01 5.94
C ALA A 257 29.59 -8.53 6.24
N LYS A 258 30.42 -7.93 5.38
CA LYS A 258 30.77 -6.52 5.44
C LYS A 258 29.58 -5.65 4.96
N TYR A 259 28.93 -6.06 3.86
CA TYR A 259 27.75 -5.35 3.33
C TYR A 259 26.70 -6.36 2.85
N VAL A 260 25.48 -5.86 2.67
CA VAL A 260 24.35 -6.64 2.15
C VAL A 260 23.67 -5.84 1.03
N ILE A 261 23.36 -6.56 -0.07
CA ILE A 261 22.44 -6.11 -1.10
C ILE A 261 21.10 -6.80 -0.84
N SER A 262 20.08 -5.97 -0.61
CA SER A 262 18.70 -6.38 -0.63
C SER A 262 18.23 -6.31 -2.08
N ALA A 263 18.07 -7.48 -2.73
CA ALA A 263 17.66 -7.56 -4.14
C ALA A 263 16.28 -8.23 -4.26
N ILE A 264 15.33 -7.73 -3.46
CA ILE A 264 13.96 -8.21 -3.38
C ILE A 264 13.01 -7.04 -3.65
N PRO A 265 11.76 -7.29 -4.09
CA PRO A 265 10.75 -6.24 -4.17
C PRO A 265 10.70 -5.47 -2.85
N PRO A 266 10.68 -4.13 -2.90
CA PRO A 266 10.67 -3.31 -1.68
C PRO A 266 9.79 -3.86 -0.56
N THR A 267 8.53 -4.20 -0.88
CA THR A 267 7.59 -4.56 0.14
C THR A 267 7.97 -5.91 0.76
N LEU A 268 8.65 -6.80 0.03
CA LEU A 268 9.07 -8.09 0.60
C LEU A 268 10.18 -7.90 1.64
N GLY A 269 10.75 -6.68 1.72
CA GLY A 269 11.59 -6.23 2.84
C GLY A 269 10.91 -6.38 4.21
N MET A 270 9.58 -6.44 4.22
CA MET A 270 8.73 -6.55 5.41
C MET A 270 8.90 -7.93 6.06
N LYS A 271 9.40 -8.90 5.30
CA LYS A 271 9.57 -10.27 5.78
C LYS A 271 10.83 -10.38 6.64
N ILE A 272 11.70 -9.36 6.59
CA ILE A 272 12.92 -9.36 7.37
C ILE A 272 12.67 -8.49 8.61
N HIS A 273 13.07 -9.02 9.78
CA HIS A 273 13.11 -8.25 11.04
C HIS A 273 14.48 -7.57 11.13
N PHE A 274 14.47 -6.28 11.49
CA PHE A 274 15.66 -5.44 11.40
C PHE A 274 16.10 -5.02 12.80
N ASN A 275 17.41 -5.11 13.02
CA ASN A 275 18.07 -4.63 14.23
C ASN A 275 19.35 -3.93 13.80
N PRO A 276 19.43 -2.60 14.00
CA PRO A 276 18.37 -1.83 14.65
C PRO A 276 17.19 -1.68 13.68
N PRO A 277 16.04 -1.13 14.13
CA PRO A 277 14.91 -0.87 13.26
C PRO A 277 15.27 0.01 12.04
N LEU A 278 14.55 -0.18 10.94
CA LEU A 278 14.75 0.68 9.79
C LEU A 278 14.44 2.11 10.21
N PRO A 279 15.04 3.13 9.57
CA PRO A 279 14.60 4.51 9.74
C PRO A 279 13.10 4.67 9.39
N MET A 280 12.47 5.67 10.02
CA MET A 280 11.04 6.00 9.85
C MET A 280 10.60 5.85 8.39
N MET A 281 11.30 6.52 7.47
CA MET A 281 10.81 6.68 6.12
C MET A 281 10.77 5.31 5.40
N ARG A 282 11.86 4.53 5.44
CA ARG A 282 11.84 3.19 4.82
C ARG A 282 10.83 2.29 5.55
N ASN A 283 10.68 2.49 6.87
CA ASN A 283 9.76 1.68 7.69
C ASN A 283 8.32 1.74 7.14
N GLN A 284 7.91 2.94 6.71
CA GLN A 284 6.56 3.11 6.24
C GLN A 284 6.49 2.85 4.73
N MET A 285 7.56 3.20 4.01
CA MET A 285 7.61 3.06 2.53
C MET A 285 7.23 1.62 2.14
N ILE A 286 7.89 0.63 2.76
CA ILE A 286 7.74 -0.79 2.42
C ILE A 286 6.35 -1.34 2.77
N THR A 287 5.47 -0.53 3.38
CA THR A 287 4.05 -0.91 3.65
C THR A 287 3.11 -0.24 2.63
N ARG A 288 3.67 0.58 1.75
CA ARG A 288 2.90 1.47 0.88
C ARG A 288 3.07 1.14 -0.62
N VAL A 289 3.78 0.06 -0.96
CA VAL A 289 4.19 -0.19 -2.37
C VAL A 289 3.88 -1.63 -2.76
N PRO A 290 2.63 -1.93 -3.16
CA PRO A 290 2.26 -3.28 -3.59
C PRO A 290 2.63 -3.54 -5.04
N LEU A 291 2.61 -4.82 -5.44
CA LEU A 291 2.80 -5.22 -6.82
C LEU A 291 1.44 -5.52 -7.47
N GLY A 292 1.40 -5.40 -8.79
CA GLY A 292 0.19 -5.57 -9.55
C GLY A 292 -0.27 -7.01 -9.54
N SER A 293 -1.41 -7.26 -10.19
CA SER A 293 -2.03 -8.58 -10.28
C SER A 293 -2.11 -9.04 -11.75
N VAL A 294 -1.59 -10.24 -12.01
CA VAL A 294 -1.66 -10.78 -13.38
C VAL A 294 -1.59 -12.32 -13.36
N ILE A 295 -2.31 -12.94 -14.29
CA ILE A 295 -2.13 -14.34 -14.68
C ILE A 295 -1.64 -14.36 -16.13
N LYS A 296 -0.54 -15.07 -16.39
CA LYS A 296 -0.07 -15.29 -17.73
C LYS A 296 -0.56 -16.66 -18.20
N CYS A 297 -1.19 -16.70 -19.39
CA CYS A 297 -1.76 -17.90 -19.94
C CYS A 297 -1.20 -18.20 -21.33
N ILE A 298 -0.79 -19.45 -21.55
CA ILE A 298 -0.40 -19.89 -22.87
C ILE A 298 -1.30 -21.04 -23.32
N VAL A 299 -2.01 -20.82 -24.43
CA VAL A 299 -2.87 -21.84 -25.08
C VAL A 299 -2.15 -22.35 -26.33
N TYR A 300 -2.01 -23.67 -26.39
CA TYR A 300 -1.28 -24.33 -27.46
C TYR A 300 -2.28 -24.89 -28.47
N TYR A 301 -1.86 -24.85 -29.73
CA TYR A 301 -2.64 -25.30 -30.87
C TYR A 301 -1.77 -26.12 -31.83
N LYS A 302 -2.41 -26.93 -32.67
CA LYS A 302 -1.74 -27.80 -33.65
C LYS A 302 -0.84 -26.96 -34.58
N GLU A 303 -1.42 -25.91 -35.18
CA GLU A 303 -0.68 -24.94 -36.02
C GLU A 303 -1.05 -23.50 -35.64
N PRO A 304 -0.21 -22.49 -36.02
CA PRO A 304 -0.57 -21.08 -35.86
C PRO A 304 -1.56 -20.62 -36.96
N PHE A 305 -2.78 -21.12 -36.82
CA PHE A 305 -3.82 -21.03 -37.80
C PHE A 305 -4.07 -19.55 -38.16
N TRP A 306 -3.89 -18.68 -37.18
CA TRP A 306 -4.17 -17.27 -37.31
C TRP A 306 -3.34 -16.64 -38.45
N ARG A 307 -2.10 -17.11 -38.64
CA ARG A 307 -1.21 -16.55 -39.67
C ARG A 307 -1.84 -16.73 -41.05
N LYS A 308 -2.49 -17.88 -41.25
CA LYS A 308 -3.15 -18.22 -42.52
C LYS A 308 -4.26 -17.20 -42.83
N LYS A 309 -4.91 -16.62 -41.79
CA LYS A 309 -5.88 -15.50 -41.96
C LYS A 309 -5.19 -14.12 -41.96
N ASP A 310 -3.85 -14.10 -42.05
CA ASP A 310 -3.04 -12.86 -42.06
C ASP A 310 -3.23 -12.08 -40.73
N TYR A 311 -3.28 -12.81 -39.61
CA TYR A 311 -3.23 -12.28 -38.26
C TYR A 311 -1.90 -12.71 -37.63
N CYS A 312 -1.06 -11.78 -37.17
CA CYS A 312 0.23 -12.17 -36.53
C CYS A 312 -0.03 -12.87 -35.19
N GLY A 313 -1.18 -12.61 -34.57
CA GLY A 313 -1.55 -13.29 -33.33
C GLY A 313 -1.56 -12.32 -32.16
N THR A 314 -1.18 -11.06 -32.43
CA THR A 314 -1.33 -9.95 -31.51
C THR A 314 -2.79 -9.54 -31.47
N MET A 315 -3.37 -9.48 -30.28
CA MET A 315 -4.73 -9.01 -30.14
C MET A 315 -4.79 -8.02 -28.96
N ILE A 316 -5.42 -6.87 -29.21
CA ILE A 316 -5.67 -5.86 -28.22
C ILE A 316 -7.17 -5.83 -27.95
N ILE A 317 -7.58 -6.36 -26.80
CA ILE A 317 -8.95 -6.76 -26.60
C ILE A 317 -9.54 -5.90 -25.49
N ASP A 318 -10.41 -4.98 -25.88
CA ASP A 318 -11.15 -4.15 -24.97
C ASP A 318 -12.50 -4.79 -24.68
N GLY A 319 -12.98 -4.63 -23.45
CA GLY A 319 -14.26 -5.18 -23.00
C GLY A 319 -14.16 -5.78 -21.60
N GLU A 320 -15.18 -5.50 -20.78
CA GLU A 320 -15.26 -6.05 -19.42
C GLU A 320 -15.50 -7.57 -19.47
N GLU A 321 -16.22 -8.04 -20.49
CA GLU A 321 -16.55 -9.47 -20.62
C GLU A 321 -15.29 -10.28 -20.94
N ALA A 322 -14.27 -9.64 -21.53
CA ALA A 322 -13.09 -10.33 -22.04
C ALA A 322 -12.10 -10.64 -20.92
N PRO A 323 -11.83 -11.92 -20.62
CA PRO A 323 -10.82 -12.27 -19.61
C PRO A 323 -9.40 -11.74 -19.89
N VAL A 324 -8.93 -11.91 -21.12
CA VAL A 324 -7.61 -11.50 -21.57
C VAL A 324 -7.77 -10.15 -22.26
N ALA A 325 -6.81 -9.23 -22.07
CA ALA A 325 -6.87 -7.91 -22.77
C ALA A 325 -5.79 -7.75 -23.85
N TYR A 326 -4.78 -8.63 -23.81
CA TYR A 326 -3.66 -8.56 -24.73
C TYR A 326 -3.12 -9.97 -24.96
N THR A 327 -2.78 -10.27 -26.22
CA THR A 327 -2.13 -11.52 -26.60
C THR A 327 -0.94 -11.24 -27.52
N LEU A 328 0.01 -12.17 -27.51
CA LEU A 328 1.04 -12.25 -28.54
C LEU A 328 1.13 -13.70 -29.01
N ASP A 329 1.69 -13.87 -30.21
CA ASP A 329 2.09 -15.16 -30.75
C ASP A 329 3.28 -15.68 -29.94
N ASP A 330 3.18 -16.91 -29.44
CA ASP A 330 4.22 -17.53 -28.65
C ASP A 330 4.67 -18.84 -29.30
N THR A 331 4.53 -18.96 -30.61
CA THR A 331 5.11 -20.07 -31.38
C THR A 331 6.64 -19.98 -31.29
N LYS A 332 7.30 -21.14 -31.20
CA LYS A 332 8.77 -21.18 -31.21
C LYS A 332 9.26 -20.56 -32.52
N PRO A 333 10.53 -20.11 -32.61
CA PRO A 333 11.04 -19.52 -33.84
C PRO A 333 11.12 -20.54 -35.00
N GLU A 334 11.17 -21.84 -34.65
CA GLU A 334 11.20 -22.93 -35.59
C GLU A 334 9.84 -23.05 -36.31
N GLY A 335 8.77 -22.58 -35.68
CA GLY A 335 7.42 -22.59 -36.25
C GLY A 335 6.52 -23.64 -35.64
N ASN A 336 7.04 -24.38 -34.64
CA ASN A 336 6.30 -25.46 -33.96
C ASN A 336 5.88 -24.98 -32.55
N TYR A 337 5.14 -25.84 -31.85
CA TYR A 337 4.51 -25.57 -30.55
C TYR A 337 3.76 -24.24 -30.63
N ALA A 338 2.94 -24.12 -31.67
CA ALA A 338 2.07 -22.99 -31.90
C ALA A 338 1.36 -22.65 -30.60
N ALA A 339 1.36 -21.36 -30.24
CA ALA A 339 0.75 -20.91 -28.99
C ALA A 339 0.33 -19.44 -29.08
N ILE A 340 -0.74 -19.12 -28.36
CA ILE A 340 -1.15 -17.75 -28.05
C ILE A 340 -0.86 -17.49 -26.58
N MET A 341 -0.04 -16.47 -26.31
CA MET A 341 0.23 -15.96 -24.98
C MET A 341 -0.76 -14.82 -24.68
N GLY A 342 -1.37 -14.84 -23.50
CA GLY A 342 -2.23 -13.74 -23.09
C GLY A 342 -2.14 -13.46 -21.60
N PHE A 343 -2.38 -12.21 -21.25
CA PHE A 343 -2.36 -11.75 -19.87
C PHE A 343 -3.78 -11.44 -19.39
N ILE A 344 -4.13 -11.96 -18.20
CA ILE A 344 -5.32 -11.57 -17.48
C ILE A 344 -4.92 -10.56 -16.40
N LEU A 345 -5.51 -9.37 -16.41
CA LEU A 345 -4.94 -8.18 -15.76
C LEU A 345 -5.80 -7.66 -14.61
N ALA A 346 -5.11 -7.20 -13.55
CA ALA A 346 -5.69 -6.37 -12.50
C ALA A 346 -6.92 -7.08 -11.89
N HIS A 347 -8.10 -6.42 -11.87
CA HIS A 347 -9.26 -7.01 -11.19
C HIS A 347 -9.70 -8.31 -11.87
N LYS A 348 -9.35 -8.52 -13.13
CA LYS A 348 -9.74 -9.75 -13.79
C LYS A 348 -8.88 -10.92 -13.31
N ALA A 349 -7.64 -10.64 -12.88
CA ALA A 349 -6.84 -11.69 -12.27
C ALA A 349 -7.50 -12.15 -10.97
N ARG A 350 -7.93 -11.17 -10.15
CA ARG A 350 -8.69 -11.39 -8.88
C ARG A 350 -9.93 -12.25 -9.16
N LYS A 351 -10.79 -11.77 -10.07
CA LYS A 351 -12.08 -12.40 -10.36
C LYS A 351 -11.88 -13.85 -10.86
N LEU A 352 -11.10 -14.02 -11.94
CA LEU A 352 -11.07 -15.28 -12.71
C LEU A 352 -10.20 -16.35 -12.03
N ALA A 353 -9.47 -15.99 -10.97
CA ALA A 353 -8.69 -16.96 -10.21
C ALA A 353 -9.60 -17.91 -9.41
N ARG A 354 -10.85 -17.50 -9.17
CA ARG A 354 -11.88 -18.31 -8.49
C ARG A 354 -12.22 -19.58 -9.29
N LEU A 355 -12.03 -19.53 -10.61
CA LEU A 355 -12.35 -20.63 -11.55
C LEU A 355 -11.26 -21.71 -11.53
N THR A 356 -11.55 -22.88 -12.12
CA THR A 356 -10.53 -23.93 -12.30
C THR A 356 -9.63 -23.60 -13.50
N LYS A 357 -8.52 -24.33 -13.60
CA LYS A 357 -7.63 -24.26 -14.73
C LYS A 357 -8.44 -24.46 -16.03
N GLU A 358 -9.33 -25.46 -16.02
CA GLU A 358 -10.08 -25.90 -17.21
C GLU A 358 -11.12 -24.84 -17.61
N GLU A 359 -11.77 -24.20 -16.63
CA GLU A 359 -12.78 -23.13 -16.86
C GLU A 359 -12.11 -21.89 -17.48
N ARG A 360 -10.85 -21.59 -17.09
CA ARG A 360 -10.08 -20.48 -17.66
C ARG A 360 -9.72 -20.78 -19.12
N LEU A 361 -9.21 -21.99 -19.39
CA LEU A 361 -8.87 -22.41 -20.77
C LEU A 361 -10.06 -22.18 -21.70
N LYS A 362 -11.22 -22.70 -21.30
CA LYS A 362 -12.47 -22.61 -22.08
C LYS A 362 -12.77 -21.15 -22.43
N LYS A 363 -12.77 -20.29 -21.42
CA LYS A 363 -13.12 -18.87 -21.57
C LYS A 363 -12.19 -18.17 -22.56
N LEU A 364 -10.89 -18.50 -22.51
CA LEU A 364 -9.86 -17.98 -23.44
C LEU A 364 -10.10 -18.48 -24.87
N CYS A 365 -10.23 -19.79 -25.04
CA CYS A 365 -10.50 -20.36 -26.35
C CYS A 365 -11.73 -19.70 -26.98
N GLU A 366 -12.81 -19.54 -26.21
CA GLU A 366 -14.06 -18.94 -26.74
C GLU A 366 -13.83 -17.47 -27.11
N LEU A 367 -13.00 -16.79 -26.34
CA LEU A 367 -12.69 -15.40 -26.62
C LEU A 367 -11.86 -15.33 -27.91
N TYR A 368 -10.86 -16.21 -28.02
CA TYR A 368 -9.92 -16.18 -29.14
C TYR A 368 -10.66 -16.50 -30.44
N ALA A 369 -11.60 -17.44 -30.33
CA ALA A 369 -12.44 -17.89 -31.43
C ALA A 369 -13.21 -16.72 -32.05
N LYS A 370 -13.86 -15.92 -31.20
CA LYS A 370 -14.59 -14.76 -31.62
C LYS A 370 -13.64 -13.70 -32.19
N VAL A 371 -12.49 -13.47 -31.55
CA VAL A 371 -11.65 -12.33 -31.92
C VAL A 371 -10.97 -12.59 -33.26
N LEU A 372 -10.54 -13.84 -33.46
CA LEU A 372 -9.82 -14.28 -34.66
C LEU A 372 -10.79 -14.78 -35.74
N GLY A 373 -12.08 -14.89 -35.42
CA GLY A 373 -13.12 -15.38 -36.35
C GLY A 373 -12.81 -16.79 -36.84
N SER A 374 -12.40 -17.64 -35.90
CA SER A 374 -11.90 -18.98 -36.15
C SER A 374 -12.48 -19.98 -35.14
N LEU A 375 -12.96 -21.12 -35.64
CA LEU A 375 -13.41 -22.22 -34.82
C LEU A 375 -12.22 -23.08 -34.35
N GLU A 376 -11.12 -23.07 -35.10
CA GLU A 376 -9.87 -23.76 -34.74
C GLU A 376 -9.38 -23.37 -33.33
N ALA A 377 -9.70 -22.14 -32.88
CA ALA A 377 -9.29 -21.61 -31.56
C ALA A 377 -9.95 -22.38 -30.40
N LEU A 378 -11.03 -23.11 -30.70
CA LEU A 378 -11.73 -23.95 -29.74
C LEU A 378 -11.06 -25.32 -29.63
N GLU A 379 -9.94 -25.58 -30.33
CA GLU A 379 -9.33 -26.92 -30.35
C GLU A 379 -7.93 -26.90 -29.73
N PRO A 380 -7.75 -26.45 -28.46
CA PRO A 380 -6.42 -26.37 -27.87
C PRO A 380 -5.82 -27.77 -27.69
N VAL A 381 -4.49 -27.91 -27.81
CA VAL A 381 -3.80 -29.20 -27.58
C VAL A 381 -3.12 -29.22 -26.21
N HIS A 382 -2.98 -28.05 -25.57
CA HIS A 382 -2.34 -27.92 -24.24
C HIS A 382 -2.59 -26.51 -23.67
N TYR A 383 -2.49 -26.39 -22.34
CA TYR A 383 -2.63 -25.12 -21.62
C TYR A 383 -1.63 -25.08 -20.43
N GLU A 384 -0.84 -23.99 -20.35
CA GLU A 384 0.00 -23.68 -19.20
C GLU A 384 -0.38 -22.28 -18.69
N GLU A 385 -0.20 -22.03 -17.38
CA GLU A 385 -0.56 -20.74 -16.78
C GLU A 385 0.19 -20.54 -15.46
N LYS A 386 0.32 -19.27 -15.04
CA LYS A 386 0.81 -18.95 -13.72
C LYS A 386 0.13 -17.67 -13.22
N ASN A 387 -0.56 -17.80 -12.09
CA ASN A 387 -1.03 -16.68 -11.28
C ASN A 387 0.11 -16.22 -10.36
N TRP A 388 0.66 -15.02 -10.63
CA TRP A 388 1.73 -14.43 -9.84
C TRP A 388 1.25 -13.82 -8.51
N CYS A 389 -0.07 -13.61 -8.36
CA CYS A 389 -0.66 -13.04 -7.14
C CYS A 389 -0.48 -13.95 -5.91
N GLU A 390 -0.30 -15.26 -6.11
CA GLU A 390 -0.29 -16.22 -5.01
C GLU A 390 1.15 -16.48 -4.53
N GLU A 391 2.13 -15.76 -5.09
CA GLU A 391 3.56 -15.99 -4.75
C GLU A 391 3.98 -15.11 -3.55
N GLN A 392 4.11 -15.78 -2.39
CA GLN A 392 4.65 -15.26 -1.12
C GLN A 392 5.94 -14.44 -1.33
N TYR A 393 6.84 -14.91 -2.22
CA TYR A 393 8.21 -14.33 -2.41
C TYR A 393 8.32 -13.49 -3.70
N SER A 394 7.18 -13.08 -4.28
CA SER A 394 7.14 -12.08 -5.35
C SER A 394 6.18 -10.95 -4.96
N GLY A 395 4.98 -11.33 -4.50
CA GLY A 395 3.94 -10.40 -4.06
C GLY A 395 2.94 -10.10 -5.18
N GLY A 396 3.31 -10.48 -6.41
CA GLY A 396 2.57 -10.17 -7.62
C GLY A 396 3.51 -9.88 -8.78
N CYS A 397 3.00 -9.22 -9.81
CA CYS A 397 3.70 -8.96 -11.05
C CYS A 397 2.94 -7.89 -11.85
N TYR A 398 3.63 -7.19 -12.77
CA TYR A 398 5.02 -7.44 -13.14
C TYR A 398 5.97 -6.82 -12.11
N THR A 399 5.52 -5.71 -11.52
CA THR A 399 6.36 -4.89 -10.69
C THR A 399 5.50 -4.15 -9.66
N THR A 400 6.21 -3.37 -8.84
CA THR A 400 5.65 -2.52 -7.82
C THR A 400 5.05 -1.26 -8.45
N TYR A 401 3.81 -0.94 -8.08
CA TYR A 401 3.21 0.30 -8.43
C TYR A 401 3.10 1.17 -7.16
N PHE A 402 3.01 2.49 -7.38
CA PHE A 402 2.92 3.47 -6.31
C PHE A 402 1.54 4.12 -6.33
N PRO A 403 0.72 3.93 -5.27
CA PRO A 403 -0.55 4.62 -5.15
C PRO A 403 -0.33 6.12 -4.99
N PRO A 404 -1.41 6.93 -5.10
CA PRO A 404 -1.32 8.37 -5.01
C PRO A 404 -0.75 8.82 -3.67
N GLY A 405 0.19 9.75 -3.76
CA GLY A 405 0.74 10.43 -2.62
C GLY A 405 2.07 9.84 -2.15
N ILE A 406 2.46 8.68 -2.68
CA ILE A 406 3.52 7.90 -2.06
C ILE A 406 4.89 8.23 -2.65
N LEU A 407 4.95 8.47 -3.97
CA LEU A 407 6.24 8.66 -4.66
C LEU A 407 6.92 9.97 -4.24
N THR A 408 6.15 11.03 -3.99
CA THR A 408 6.75 12.32 -3.54
C THR A 408 7.20 12.24 -2.08
N GLN A 409 6.48 11.48 -1.25
CA GLN A 409 6.78 11.43 0.19
C GLN A 409 7.89 10.42 0.45
N TYR A 410 7.88 9.28 -0.22
CA TYR A 410 8.73 8.16 0.17
C TYR A 410 9.75 7.80 -0.92
N GLY A 411 9.54 8.29 -2.14
CA GLY A 411 10.30 7.88 -3.30
C GLY A 411 11.81 7.98 -3.11
N ARG A 412 12.27 9.04 -2.47
CA ARG A 412 13.72 9.28 -2.41
C ARG A 412 14.45 8.19 -1.60
N VAL A 413 13.74 7.34 -0.82
CA VAL A 413 14.44 6.36 0.05
C VAL A 413 14.53 4.97 -0.59
N LEU A 414 13.87 4.73 -1.73
CA LEU A 414 13.91 3.41 -2.44
C LEU A 414 15.33 2.82 -2.46
N ARG A 415 16.32 3.59 -2.90
CA ARG A 415 17.71 3.07 -3.09
C ARG A 415 18.72 3.85 -2.22
N GLN A 416 18.23 4.58 -1.20
CA GLN A 416 19.04 5.13 -0.13
C GLN A 416 19.58 3.99 0.75
N PRO A 417 20.92 3.81 0.86
CA PRO A 417 21.46 2.74 1.69
C PRO A 417 21.07 2.95 3.17
N VAL A 418 20.86 1.83 3.86
CA VAL A 418 20.67 1.83 5.29
C VAL A 418 21.89 1.13 5.91
N ASP A 419 22.82 1.94 6.40
CA ASP A 419 24.10 1.54 6.98
C ASP A 419 24.88 0.75 5.91
N ARG A 420 24.92 -0.58 6.01
CA ARG A 420 25.72 -1.41 5.09
C ARG A 420 24.79 -2.28 4.22
N ILE A 421 23.48 -2.00 4.30
CA ILE A 421 22.48 -2.53 3.37
C ILE A 421 22.35 -1.56 2.18
N TYR A 422 22.46 -2.12 0.97
CA TYR A 422 22.27 -1.44 -0.31
C TYR A 422 21.09 -2.10 -1.03
N PHE A 423 20.43 -1.33 -1.92
CA PHE A 423 19.19 -1.81 -2.52
C PHE A 423 19.33 -1.90 -4.04
N ALA A 424 19.11 -3.13 -4.53
CA ALA A 424 18.96 -3.50 -5.94
C ALA A 424 17.48 -3.85 -6.16
N GLY A 425 17.21 -4.71 -7.14
CA GLY A 425 15.86 -5.02 -7.61
C GLY A 425 15.39 -4.01 -8.64
N THR A 426 14.59 -4.49 -9.59
CA THR A 426 14.27 -3.71 -10.76
C THR A 426 13.58 -2.41 -10.34
N GLU A 427 12.88 -2.44 -9.21
CA GLU A 427 12.11 -1.26 -8.72
C GLU A 427 13.02 -0.05 -8.47
N THR A 428 14.33 -0.29 -8.26
CA THR A 428 15.32 0.76 -7.91
C THR A 428 16.02 1.35 -9.15
N ALA A 429 15.79 0.75 -10.34
CA ALA A 429 16.44 1.20 -11.61
C ALA A 429 15.85 2.53 -12.10
N THR A 430 16.54 3.16 -13.05
CA THR A 430 16.20 4.49 -13.64
C THR A 430 15.91 4.37 -15.14
N HIS A 431 16.11 3.16 -15.71
CA HIS A 431 15.86 2.86 -17.12
C HIS A 431 15.30 1.43 -17.22
N TRP A 432 14.01 1.32 -17.55
CA TRP A 432 13.26 0.04 -17.65
C TRP A 432 13.14 -0.60 -16.26
N SER A 433 12.96 0.24 -15.25
CA SER A 433 12.47 -0.24 -13.98
C SER A 433 11.17 -0.99 -14.27
N GLY A 434 11.00 -2.13 -13.58
CA GLY A 434 9.92 -3.06 -13.78
C GLY A 434 10.31 -4.26 -14.64
N TYR A 435 11.34 -4.08 -15.48
CA TYR A 435 11.75 -5.07 -16.43
C TYR A 435 13.04 -5.77 -15.95
N MET A 436 13.42 -6.81 -16.69
CA MET A 436 14.64 -7.56 -16.47
C MET A 436 15.87 -6.67 -16.72
N GLU A 437 15.76 -5.77 -17.71
CA GLU A 437 16.77 -4.74 -17.96
C GLU A 437 17.02 -3.98 -16.65
N GLY A 438 15.95 -3.51 -16.02
CA GLY A 438 16.08 -2.73 -14.77
C GLY A 438 16.66 -3.55 -13.62
N ALA A 439 16.46 -4.86 -13.66
CA ALA A 439 17.01 -5.73 -12.66
C ALA A 439 18.54 -5.73 -12.79
N VAL A 440 19.03 -5.75 -14.04
CA VAL A 440 20.46 -5.81 -14.27
C VAL A 440 21.06 -4.47 -13.87
N GLU A 441 20.41 -3.36 -14.24
CA GLU A 441 20.95 -2.02 -13.94
C GLU A 441 21.07 -1.85 -12.42
N ALA A 442 19.98 -2.15 -11.71
CA ALA A 442 19.89 -1.96 -10.26
C ALA A 442 20.90 -2.84 -9.55
N GLY A 443 21.07 -4.08 -10.04
CA GLY A 443 21.96 -5.08 -9.45
C GLY A 443 23.43 -4.68 -9.54
N GLU A 444 23.85 -4.30 -10.74
CA GLU A 444 25.20 -3.89 -11.01
C GLU A 444 25.50 -2.55 -10.33
N ARG A 445 24.55 -1.62 -10.33
CA ARG A 445 24.73 -0.33 -9.62
C ARG A 445 24.92 -0.58 -8.11
N ALA A 446 24.05 -1.40 -7.51
CA ALA A 446 24.14 -1.72 -6.08
C ALA A 446 25.52 -2.31 -5.75
N ALA A 447 25.94 -3.29 -6.56
CA ALA A 447 27.23 -3.94 -6.41
C ALA A 447 28.34 -2.88 -6.39
N ARG A 448 28.28 -1.95 -7.34
CA ARG A 448 29.33 -0.95 -7.51
C ARG A 448 29.28 0.05 -6.36
N GLU A 449 28.09 0.34 -5.82
CA GLU A 449 27.98 1.20 -4.62
C GLU A 449 28.89 0.67 -3.49
N ILE A 450 28.92 -0.66 -3.35
CA ILE A 450 29.69 -1.33 -2.32
C ILE A 450 31.19 -1.29 -2.69
N LEU A 451 31.56 -1.64 -3.93
CA LEU A 451 32.95 -1.44 -4.43
C LEU A 451 33.44 -0.02 -4.09
N HIS A 452 32.58 1.00 -4.20
CA HIS A 452 32.94 2.36 -3.77
C HIS A 452 33.18 2.44 -2.26
N ALA A 453 32.24 1.93 -1.45
CA ALA A 453 32.34 1.95 0.01
C ALA A 453 33.64 1.29 0.49
N MET A 454 34.15 0.32 -0.30
CA MET A 454 35.33 -0.44 0.00
C MET A 454 36.58 0.24 -0.58
N GLY A 455 36.40 1.36 -1.30
CA GLY A 455 37.49 2.18 -1.87
C GLY A 455 38.14 1.54 -3.09
N LYS A 456 37.41 0.63 -3.77
CA LYS A 456 37.93 -0.16 -4.90
C LYS A 456 37.65 0.53 -6.25
N ILE A 457 36.66 1.44 -6.28
CA ILE A 457 36.35 2.26 -7.45
C ILE A 457 35.98 3.67 -6.99
N PRO A 458 36.20 4.71 -7.83
CA PRO A 458 35.77 6.06 -7.49
C PRO A 458 34.24 6.21 -7.64
N GLU A 459 33.71 7.36 -7.18
CA GLU A 459 32.29 7.63 -7.08
C GLU A 459 31.64 7.67 -8.47
N ASP A 460 32.38 8.14 -9.48
CA ASP A 460 31.83 8.34 -10.81
C ASP A 460 31.71 7.01 -11.59
N GLU A 461 32.12 5.88 -10.99
CA GLU A 461 32.03 4.57 -11.66
C GLU A 461 30.90 3.71 -11.09
N ILE A 462 30.13 4.27 -10.13
CA ILE A 462 28.92 3.63 -9.58
C ILE A 462 27.86 3.48 -10.69
N TRP A 463 27.45 4.63 -11.27
CA TRP A 463 26.54 4.69 -12.44
C TRP A 463 27.36 4.62 -13.73
N GLN A 464 27.18 3.53 -14.48
CA GLN A 464 27.92 3.24 -15.70
C GLN A 464 26.92 3.08 -16.87
N SER A 465 27.14 3.87 -17.94
CA SER A 465 26.39 3.75 -19.20
C SER A 465 26.71 2.41 -19.90
N GLU A 466 25.84 2.01 -20.84
CA GLU A 466 25.87 0.71 -21.49
C GLU A 466 25.99 0.86 -23.01
N PRO A 467 27.04 0.30 -23.64
CA PRO A 467 27.17 0.31 -25.10
C PRO A 467 25.91 -0.30 -25.75
N GLU A 468 25.36 0.40 -26.75
CA GLU A 468 24.23 -0.08 -27.54
C GLU A 468 24.58 -1.46 -28.11
N SER A 469 23.62 -2.40 -28.04
CA SER A 469 23.69 -3.76 -28.61
C SER A 469 23.88 -3.65 -30.14
N VAL A 470 24.69 -4.55 -30.71
CA VAL A 470 24.91 -4.58 -32.16
C VAL A 470 24.01 -5.65 -32.79
N ASP A 471 23.41 -6.52 -31.97
CA ASP A 471 22.46 -7.54 -32.41
C ASP A 471 21.02 -6.96 -32.49
N VAL A 472 20.72 -6.04 -31.57
CA VAL A 472 19.38 -5.46 -31.39
C VAL A 472 19.51 -3.95 -31.28
N PRO A 473 19.85 -3.26 -32.41
CA PRO A 473 20.05 -1.81 -32.36
C PRO A 473 18.71 -1.07 -32.36
N ALA A 474 18.70 0.13 -31.81
CA ALA A 474 17.50 0.89 -31.63
C ALA A 474 17.30 1.87 -32.80
N GLN A 475 16.17 1.72 -33.50
CA GLN A 475 15.63 2.77 -34.35
C GLN A 475 15.15 3.88 -33.42
N PRO A 476 15.39 5.16 -33.75
CA PRO A 476 14.91 6.24 -32.92
C PRO A 476 13.38 6.36 -33.07
N ILE A 477 12.77 7.04 -32.10
CA ILE A 477 11.34 7.26 -32.09
C ILE A 477 11.09 8.59 -32.80
N THR A 478 10.32 8.56 -33.88
CA THR A 478 10.04 9.78 -34.67
C THR A 478 8.57 10.17 -34.52
N THR A 479 8.28 11.45 -34.74
CA THR A 479 6.90 11.96 -34.85
C THR A 479 6.75 12.67 -36.21
N THR A 480 5.50 12.85 -36.62
CA THR A 480 5.17 13.62 -37.82
C THR A 480 4.76 15.03 -37.40
N PHE A 481 4.83 15.95 -38.37
CA PHE A 481 4.43 17.34 -38.20
C PHE A 481 2.98 17.39 -37.67
N LEU A 482 2.12 16.57 -38.27
CA LEU A 482 0.72 16.54 -37.89
C LEU A 482 0.60 16.08 -36.44
N GLU A 483 1.26 14.95 -36.12
CA GLU A 483 1.26 14.38 -34.77
C GLU A 483 1.65 15.47 -33.77
N ARG A 484 2.71 16.22 -34.08
CA ARG A 484 3.25 17.25 -33.18
C ARG A 484 2.26 18.42 -33.02
N HIS A 485 1.65 18.88 -34.10
CA HIS A 485 0.98 20.19 -34.10
C HIS A 485 -0.55 20.09 -34.20
N LEU A 486 -1.12 18.95 -34.60
CA LEU A 486 -2.59 18.87 -34.62
C LEU A 486 -3.09 19.29 -33.25
N PRO A 487 -4.22 20.02 -33.17
CA PRO A 487 -4.71 20.50 -31.88
C PRO A 487 -5.38 19.36 -31.09
N SER A 488 -5.55 19.57 -29.79
CA SER A 488 -6.39 18.72 -28.98
C SER A 488 -7.86 19.03 -29.27
N VAL A 489 -8.77 18.26 -28.67
CA VAL A 489 -10.18 18.55 -28.76
C VAL A 489 -10.48 19.90 -28.13
N PRO A 490 -10.09 20.17 -26.87
CA PRO A 490 -10.32 21.48 -26.28
C PRO A 490 -9.63 22.60 -27.10
N GLY A 491 -8.49 22.30 -27.70
CA GLY A 491 -7.77 23.26 -28.53
C GLY A 491 -8.53 23.63 -29.79
N LEU A 492 -9.19 22.64 -30.42
CA LEU A 492 -10.09 22.90 -31.55
C LEU A 492 -11.31 23.72 -31.11
N LEU A 493 -11.90 23.40 -29.95
CA LEU A 493 -13.04 24.15 -29.43
C LEU A 493 -12.66 25.62 -29.19
N ARG A 494 -11.43 25.88 -28.72
CA ARG A 494 -10.90 27.26 -28.52
C ARG A 494 -10.75 27.96 -29.88
N LEU A 495 -10.30 27.22 -30.89
CA LEU A 495 -10.15 27.72 -32.28
C LEU A 495 -11.52 28.07 -32.91
N ILE A 496 -12.58 27.40 -32.45
CA ILE A 496 -13.94 27.61 -32.98
C ILE A 496 -14.58 28.83 -32.31
N GLY A 497 -14.37 28.99 -31.00
CA GLY A 497 -14.84 30.15 -30.26
C GLY A 497 -14.15 31.44 -30.69
N LEU A 498 -12.93 31.35 -31.23
CA LEU A 498 -12.08 32.53 -31.60
C LEU A 498 -12.37 32.97 -33.03
N THR A 499 -12.51 32.01 -33.95
CA THR A 499 -12.89 32.27 -35.34
C THR A 499 -14.25 33.00 -35.38
N THR A 500 -15.23 32.45 -34.66
CA THR A 500 -16.60 33.00 -34.58
C THR A 500 -16.65 34.08 -33.48
N ILE A 501 -15.91 35.18 -33.70
CA ILE A 501 -15.81 36.35 -32.82
C ILE A 501 -15.00 37.42 -33.58
N ASN B 3 5.81 -24.31 25.00
CA ASN B 3 5.60 -25.40 23.99
C ASN B 3 4.08 -25.53 23.72
N LYS B 4 3.40 -26.49 24.37
CA LYS B 4 2.07 -26.95 23.91
C LYS B 4 0.97 -26.15 24.63
N CYS B 5 -0.10 -25.79 23.91
CA CYS B 5 -1.23 -25.06 24.48
C CYS B 5 -2.41 -25.16 23.52
N ASP B 6 -3.58 -24.66 23.94
CA ASP B 6 -4.80 -24.69 23.11
C ASP B 6 -4.75 -23.61 22.02
N VAL B 7 -4.35 -22.37 22.38
CA VAL B 7 -4.41 -21.19 21.51
C VAL B 7 -3.17 -20.33 21.71
N VAL B 8 -2.46 -20.05 20.60
CA VAL B 8 -1.41 -19.03 20.58
C VAL B 8 -2.01 -17.72 20.06
N VAL B 9 -1.80 -16.64 20.80
CA VAL B 9 -2.18 -15.30 20.35
C VAL B 9 -0.90 -14.59 19.92
N VAL B 10 -0.91 -14.05 18.71
CA VAL B 10 0.21 -13.24 18.23
C VAL B 10 -0.16 -11.77 18.43
N GLY B 11 0.56 -11.13 19.36
CA GLY B 11 0.41 -9.74 19.69
C GLY B 11 -0.21 -9.51 21.04
N GLY B 12 0.43 -8.69 21.85
CA GLY B 12 -0.03 -8.36 23.19
C GLY B 12 -0.54 -6.93 23.33
N GLY B 13 -1.14 -6.40 22.27
CA GLY B 13 -1.89 -5.16 22.32
C GLY B 13 -3.22 -5.43 22.99
N ILE B 14 -4.11 -4.43 23.00
CA ILE B 14 -5.39 -4.62 23.64
C ILE B 14 -6.14 -5.80 23.03
N SER B 15 -6.03 -5.97 21.71
CA SER B 15 -6.82 -6.97 21.00
C SER B 15 -6.37 -8.37 21.41
N GLY B 16 -5.08 -8.66 21.29
CA GLY B 16 -4.50 -9.92 21.73
C GLY B 16 -4.86 -10.26 23.16
N MET B 17 -4.55 -9.32 24.06
CA MET B 17 -4.78 -9.45 25.50
C MET B 17 -6.27 -9.68 25.78
N ALA B 18 -7.17 -8.94 25.14
CA ALA B 18 -8.62 -9.15 25.35
C ALA B 18 -8.99 -10.58 24.94
N ALA B 19 -8.39 -11.04 23.84
CA ALA B 19 -8.63 -12.33 23.29
C ALA B 19 -8.11 -13.38 24.28
N ALA B 20 -6.82 -13.28 24.66
CA ALA B 20 -6.18 -14.23 25.58
C ALA B 20 -6.98 -14.29 26.89
N LYS B 21 -7.40 -13.14 27.42
CA LYS B 21 -8.11 -13.13 28.68
C LYS B 21 -9.40 -13.94 28.57
N LEU B 22 -10.16 -13.73 27.48
CA LEU B 22 -11.44 -14.41 27.31
C LEU B 22 -11.23 -15.94 27.25
N LEU B 23 -10.30 -16.38 26.41
CA LEU B 23 -10.02 -17.78 26.26
C LEU B 23 -9.62 -18.38 27.62
N HIS B 24 -8.68 -17.72 28.32
CA HIS B 24 -8.16 -18.19 29.62
C HIS B 24 -9.31 -18.30 30.63
N ASP B 25 -10.22 -17.33 30.65
CA ASP B 25 -11.30 -17.31 31.63
C ASP B 25 -12.29 -18.48 31.38
N SER B 26 -12.40 -18.89 30.12
CA SER B 26 -13.28 -19.99 29.69
C SER B 26 -12.63 -21.37 29.92
N GLY B 27 -11.35 -21.41 30.34
CA GLY B 27 -10.68 -22.63 30.80
C GLY B 27 -9.56 -23.13 29.89
N LEU B 28 -9.26 -22.43 28.79
CA LEU B 28 -8.25 -22.90 27.84
C LEU B 28 -6.86 -22.40 28.23
N ASN B 29 -5.83 -23.14 27.78
CA ASN B 29 -4.42 -22.77 27.98
C ASN B 29 -3.99 -21.94 26.77
N VAL B 30 -3.61 -20.68 27.05
CA VAL B 30 -3.31 -19.67 26.04
C VAL B 30 -1.90 -19.18 26.30
N VAL B 31 -1.17 -18.93 25.21
CA VAL B 31 0.07 -18.18 25.25
C VAL B 31 -0.15 -16.92 24.39
N VAL B 32 0.49 -15.81 24.80
CA VAL B 32 0.54 -14.60 24.05
C VAL B 32 1.99 -14.35 23.66
N LEU B 33 2.25 -14.27 22.37
CA LEU B 33 3.58 -13.99 21.85
C LEU B 33 3.61 -12.51 21.42
N GLU B 34 4.47 -11.72 22.09
CA GLU B 34 4.61 -10.28 21.90
C GLU B 34 6.04 -9.97 21.44
N ALA B 35 6.16 -9.12 20.43
CA ALA B 35 7.44 -8.86 19.77
C ALA B 35 8.29 -7.93 20.64
N ARG B 36 7.63 -6.95 21.28
CA ARG B 36 8.31 -5.90 22.04
C ARG B 36 8.65 -6.39 23.45
N ASP B 37 9.46 -5.59 24.15
CA ASP B 37 9.77 -5.75 25.57
C ASP B 37 8.63 -5.26 26.46
N ARG B 38 7.48 -4.94 25.88
CA ARG B 38 6.30 -4.52 26.63
C ARG B 38 5.04 -5.02 25.93
N VAL B 39 3.93 -4.99 26.66
CA VAL B 39 2.60 -5.14 26.09
C VAL B 39 2.03 -3.75 25.78
N GLY B 40 0.90 -3.68 25.09
CA GLY B 40 0.10 -2.46 24.88
C GLY B 40 0.02 -2.01 23.44
N GLY B 41 1.08 -2.28 22.67
CA GLY B 41 1.17 -1.94 21.25
C GLY B 41 1.04 -0.46 20.98
N ARG B 42 -0.07 -0.07 20.34
CA ARG B 42 -0.31 1.31 19.93
C ARG B 42 -0.86 2.11 21.12
N THR B 43 -0.95 1.48 22.30
CA THR B 43 -1.06 2.19 23.57
C THR B 43 0.27 2.07 24.32
N TYR B 44 0.67 3.15 24.98
CA TYR B 44 1.91 3.20 25.76
C TYR B 44 1.82 4.36 26.75
N THR B 45 1.82 4.02 28.05
CA THR B 45 1.83 5.01 29.12
C THR B 45 3.25 5.10 29.73
N LEU B 46 3.89 6.26 29.51
CA LEU B 46 5.18 6.61 30.07
C LEU B 46 4.95 7.19 31.46
N ARG B 47 5.77 6.77 32.43
CA ARG B 47 5.76 7.34 33.76
C ARG B 47 7.12 7.98 34.09
N ASN B 48 7.07 9.22 34.59
CA ASN B 48 8.23 9.87 35.20
C ASN B 48 7.68 10.93 36.15
N GLN B 49 8.57 11.48 36.98
CA GLN B 49 8.21 12.43 38.04
C GLN B 49 7.66 13.71 37.40
N LYS B 50 8.13 14.05 36.20
CA LYS B 50 7.80 15.32 35.57
C LYS B 50 6.34 15.33 35.11
N VAL B 51 5.87 14.20 34.56
CA VAL B 51 4.53 14.09 33.96
C VAL B 51 3.59 13.26 34.85
N LYS B 52 4.20 12.43 35.72
CA LYS B 52 3.57 11.37 36.53
C LYS B 52 3.25 10.18 35.61
N TYR B 53 2.21 10.30 34.78
CA TYR B 53 1.96 9.38 33.65
C TYR B 53 1.45 10.18 32.44
N VAL B 54 1.74 9.68 31.23
CA VAL B 54 1.15 10.23 30.02
C VAL B 54 1.03 9.15 28.95
N ASP B 55 -0.15 9.08 28.35
CA ASP B 55 -0.43 8.30 27.20
C ASP B 55 0.23 8.97 25.99
N LEU B 56 1.18 8.24 25.37
CA LEU B 56 1.89 8.62 24.16
C LEU B 56 1.27 7.98 22.91
N GLY B 57 0.40 6.99 23.11
CA GLY B 57 -0.37 6.34 22.07
C GLY B 57 -1.86 6.58 22.29
N GLY B 58 -2.68 5.57 22.00
CA GLY B 58 -4.14 5.63 22.23
C GLY B 58 -4.50 5.96 23.66
N SER B 59 -5.52 6.81 23.83
CA SER B 59 -5.76 7.51 25.09
C SER B 59 -7.26 7.72 25.35
N TYR B 60 -8.00 8.25 24.36
CA TYR B 60 -9.40 8.71 24.57
C TYR B 60 -10.40 7.58 24.37
N VAL B 61 -11.41 7.62 25.24
CA VAL B 61 -12.60 6.79 25.16
C VAL B 61 -13.79 7.70 25.42
N GLY B 62 -14.96 7.24 24.99
CA GLY B 62 -16.15 8.03 25.12
C GLY B 62 -17.41 7.19 25.03
N PRO B 63 -18.60 7.82 25.15
CA PRO B 63 -19.85 7.08 25.06
C PRO B 63 -19.96 6.27 23.75
N THR B 64 -20.64 5.12 23.88
CA THR B 64 -20.89 4.03 22.89
C THR B 64 -19.68 3.08 22.76
N GLN B 65 -18.57 3.37 23.44
CA GLN B 65 -17.40 2.51 23.42
C GLN B 65 -17.48 1.58 24.64
N ASN B 66 -18.56 0.82 24.70
CA ASN B 66 -18.97 0.11 25.91
C ASN B 66 -18.05 -1.08 26.25
N ARG B 67 -17.33 -1.60 25.26
CA ARG B 67 -16.52 -2.80 25.50
C ARG B 67 -15.21 -2.47 26.20
N ILE B 68 -14.54 -1.38 25.79
CA ILE B 68 -13.27 -0.98 26.40
C ILE B 68 -13.55 -0.45 27.80
N LEU B 69 -14.71 0.18 27.97
CA LEU B 69 -15.10 0.68 29.27
C LEU B 69 -15.35 -0.48 30.23
N ARG B 70 -15.98 -1.57 29.76
CA ARG B 70 -16.39 -2.69 30.68
C ARG B 70 -15.12 -3.45 31.08
N LEU B 71 -14.23 -3.68 30.09
CA LEU B 71 -13.01 -4.41 30.32
C LEU B 71 -12.15 -3.63 31.30
N ALA B 72 -12.04 -2.32 31.06
CA ALA B 72 -11.24 -1.45 31.88
C ALA B 72 -11.81 -1.41 33.31
N LYS B 73 -13.14 -1.24 33.45
CA LYS B 73 -13.81 -1.21 34.75
C LYS B 73 -13.53 -2.51 35.54
N GLU B 74 -13.50 -3.65 34.84
CA GLU B 74 -13.23 -4.96 35.47
C GLU B 74 -11.77 -5.04 35.95
N LEU B 75 -10.85 -4.41 35.24
CA LEU B 75 -9.46 -4.44 35.65
C LEU B 75 -9.19 -3.39 36.74
N GLY B 76 -10.22 -2.64 37.17
CA GLY B 76 -10.13 -1.73 38.31
C GLY B 76 -9.77 -0.30 37.90
N LEU B 77 -9.84 0.02 36.61
CA LEU B 77 -9.53 1.38 36.10
C LEU B 77 -10.78 2.25 36.17
N GLU B 78 -10.58 3.58 36.27
CA GLU B 78 -11.65 4.60 36.25
C GLU B 78 -11.30 5.66 35.18
N THR B 79 -12.32 6.38 34.69
CA THR B 79 -12.11 7.43 33.73
C THR B 79 -12.32 8.78 34.39
N TYR B 80 -11.86 9.82 33.68
CA TYR B 80 -12.14 11.20 34.00
C TYR B 80 -12.44 11.91 32.67
N LYS B 81 -13.20 13.01 32.76
CA LYS B 81 -13.63 13.80 31.64
C LYS B 81 -12.52 14.76 31.17
N VAL B 82 -12.24 14.75 29.85
CA VAL B 82 -11.34 15.70 29.18
C VAL B 82 -11.94 17.09 29.35
N ASN B 83 -11.10 18.08 29.65
CA ASN B 83 -11.62 19.43 29.93
C ASN B 83 -12.23 20.07 28.67
N GLU B 84 -13.54 20.38 28.74
CA GLU B 84 -14.25 21.14 27.74
C GLU B 84 -15.26 22.10 28.40
N VAL B 85 -14.97 22.60 29.59
CA VAL B 85 -15.87 23.55 30.27
C VAL B 85 -15.89 24.91 29.53
N GLU B 86 -14.72 25.41 29.15
CA GLU B 86 -14.56 26.75 28.54
C GLU B 86 -14.58 26.63 27.01
N ARG B 87 -14.19 27.69 26.29
CA ARG B 87 -14.46 27.78 24.86
C ARG B 87 -13.36 27.10 24.04
N LEU B 88 -13.80 26.55 22.91
CA LEU B 88 -12.90 26.02 21.93
C LEU B 88 -12.36 27.20 21.11
N ILE B 89 -11.28 26.96 20.36
CA ILE B 89 -10.76 27.96 19.45
C ILE B 89 -10.60 27.35 18.06
N HIS B 90 -11.11 28.09 17.06
CA HIS B 90 -10.82 27.88 15.67
C HIS B 90 -9.88 28.98 15.22
N HIS B 91 -8.66 28.61 14.86
CA HIS B 91 -7.67 29.53 14.32
C HIS B 91 -7.68 29.45 12.79
N VAL B 92 -8.12 30.53 12.13
CA VAL B 92 -8.24 30.59 10.66
C VAL B 92 -7.65 31.93 10.18
N LYS B 93 -6.81 31.83 9.13
CA LYS B 93 -6.13 32.98 8.52
C LYS B 93 -5.51 33.87 9.61
N GLY B 94 -4.78 33.24 10.54
CA GLY B 94 -3.93 33.95 11.52
C GLY B 94 -4.69 34.63 12.65
N LYS B 95 -5.95 34.26 12.89
CA LYS B 95 -6.73 34.83 13.97
C LYS B 95 -7.58 33.77 14.67
N SER B 96 -7.77 33.97 15.99
CA SER B 96 -8.44 33.02 16.85
C SER B 96 -9.90 33.40 17.00
N TYR B 97 -10.80 32.45 16.76
CA TYR B 97 -12.23 32.66 16.91
C TYR B 97 -12.76 31.68 17.96
N PRO B 98 -13.15 32.16 19.15
CA PRO B 98 -13.66 31.26 20.18
C PRO B 98 -15.09 30.82 19.86
N PHE B 99 -15.41 29.58 20.19
CA PHE B 99 -16.74 29.02 19.99
C PHE B 99 -17.07 27.94 21.02
N ARG B 100 -18.35 27.59 21.08
CA ARG B 100 -18.85 26.48 21.87
C ARG B 100 -19.62 25.52 20.97
N GLY B 101 -19.64 24.24 21.37
CA GLY B 101 -20.30 23.19 20.64
C GLY B 101 -19.29 22.54 19.70
N PRO B 102 -19.61 21.37 19.11
CA PRO B 102 -18.57 20.54 18.52
C PRO B 102 -18.01 21.08 17.19
N PHE B 103 -18.83 21.83 16.45
CA PHE B 103 -18.54 22.25 15.07
C PHE B 103 -18.22 23.72 15.01
N PRO B 104 -17.05 24.13 14.50
CA PRO B 104 -16.66 25.53 14.48
C PRO B 104 -17.66 26.29 13.62
N PRO B 105 -18.26 27.40 14.12
CA PRO B 105 -19.34 28.08 13.41
C PRO B 105 -18.86 28.76 12.13
N VAL B 106 -19.82 29.22 11.33
CA VAL B 106 -19.59 29.86 10.07
C VAL B 106 -20.63 30.95 9.94
N TRP B 107 -20.26 32.09 9.35
CA TRP B 107 -21.09 33.29 9.40
C TRP B 107 -21.59 33.69 8.00
N ASN B 108 -20.69 33.71 6.99
CA ASN B 108 -21.09 33.95 5.60
C ASN B 108 -22.18 32.96 5.23
N PRO B 109 -23.30 33.40 4.58
CA PRO B 109 -24.42 32.51 4.28
C PRO B 109 -24.10 31.37 3.29
N ILE B 110 -23.19 31.61 2.34
CA ILE B 110 -22.88 30.66 1.29
C ILE B 110 -22.02 29.53 1.89
N THR B 111 -20.91 29.93 2.52
CA THR B 111 -20.04 29.05 3.28
C THR B 111 -20.86 28.22 4.26
N TYR B 112 -21.79 28.88 4.97
CA TYR B 112 -22.67 28.22 5.92
C TYR B 112 -23.38 27.05 5.23
N LEU B 113 -24.02 27.31 4.10
CA LEU B 113 -24.77 26.27 3.40
C LEU B 113 -23.83 25.13 3.03
N ASP B 114 -22.62 25.48 2.60
CA ASP B 114 -21.61 24.55 2.11
C ASP B 114 -21.08 23.66 3.23
N HIS B 115 -20.71 24.26 4.38
CA HIS B 115 -20.27 23.53 5.58
C HIS B 115 -21.38 22.59 6.03
N ASN B 116 -22.62 23.11 6.14
CA ASN B 116 -23.75 22.31 6.57
C ASN B 116 -23.93 21.11 5.64
N ASN B 117 -23.78 21.35 4.34
CA ASN B 117 -24.02 20.32 3.37
C ASN B 117 -22.94 19.25 3.46
N PHE B 118 -21.69 19.65 3.70
CA PHE B 118 -20.58 18.71 3.74
C PHE B 118 -20.79 17.66 4.83
N TRP B 119 -20.99 18.10 6.08
CA TRP B 119 -21.15 17.19 7.23
C TRP B 119 -22.38 16.31 7.01
N ARG B 120 -23.50 16.92 6.60
CA ARG B 120 -24.73 16.18 6.40
C ARG B 120 -24.52 15.10 5.33
N THR B 121 -23.79 15.46 4.26
CA THR B 121 -23.58 14.56 3.15
C THR B 121 -22.69 13.37 3.58
N MET B 122 -21.68 13.57 4.44
CA MET B 122 -20.87 12.43 4.92
C MET B 122 -21.77 11.38 5.64
N ASP B 123 -22.74 11.84 6.43
CA ASP B 123 -23.63 10.95 7.22
C ASP B 123 -24.69 10.30 6.33
N ASP B 124 -25.21 11.04 5.35
CA ASP B 124 -26.14 10.49 4.32
C ASP B 124 -25.46 9.35 3.57
N MET B 125 -24.22 9.56 3.11
CA MET B 125 -23.54 8.56 2.32
C MET B 125 -23.28 7.34 3.21
N GLY B 126 -22.88 7.60 4.46
CA GLY B 126 -22.62 6.56 5.46
C GLY B 126 -23.80 5.61 5.69
N ARG B 127 -25.02 6.14 5.60
CA ARG B 127 -26.23 5.37 5.92
C ARG B 127 -26.44 4.24 4.91
N GLU B 128 -25.74 4.30 3.76
CA GLU B 128 -25.83 3.26 2.74
C GLU B 128 -24.65 2.28 2.81
N ILE B 129 -23.77 2.42 3.80
CA ILE B 129 -22.63 1.53 3.93
C ILE B 129 -22.84 0.60 5.12
N PRO B 130 -22.96 -0.73 4.90
CA PRO B 130 -23.05 -1.68 6.02
C PRO B 130 -21.72 -1.74 6.80
N SER B 131 -21.83 -1.65 8.13
CA SER B 131 -20.67 -1.67 9.06
C SER B 131 -19.83 -2.94 8.90
N ASP B 132 -20.50 -4.09 8.76
CA ASP B 132 -19.84 -5.42 8.72
C ASP B 132 -19.47 -5.81 7.28
N ALA B 133 -19.78 -4.95 6.31
CA ALA B 133 -19.57 -5.27 4.87
C ALA B 133 -19.67 -3.99 4.04
N PRO B 134 -18.70 -3.06 4.13
CA PRO B 134 -18.76 -1.84 3.32
C PRO B 134 -18.71 -2.09 1.80
N TRP B 135 -18.03 -3.14 1.37
CA TRP B 135 -17.98 -3.54 -0.06
C TRP B 135 -19.37 -3.87 -0.64
N LYS B 136 -20.42 -3.96 0.21
CA LYS B 136 -21.81 -4.16 -0.20
C LYS B 136 -22.58 -2.84 -0.32
N ALA B 137 -21.96 -1.69 -0.04
CA ALA B 137 -22.63 -0.42 -0.31
C ALA B 137 -23.16 -0.42 -1.75
N PRO B 138 -24.39 0.07 -2.01
CA PRO B 138 -24.93 0.10 -3.37
C PRO B 138 -23.93 0.69 -4.35
N LEU B 139 -23.27 1.80 -3.98
CA LEU B 139 -22.27 2.48 -4.82
C LEU B 139 -20.84 2.14 -4.40
N ALA B 140 -20.61 0.94 -3.85
CA ALA B 140 -19.29 0.53 -3.36
C ALA B 140 -18.18 0.89 -4.36
N GLU B 141 -18.29 0.43 -5.61
CA GLU B 141 -17.19 0.54 -6.57
C GLU B 141 -16.92 2.00 -6.91
N GLU B 142 -17.99 2.75 -7.15
CA GLU B 142 -17.89 4.15 -7.52
C GLU B 142 -17.21 4.95 -6.40
N TRP B 143 -17.56 4.66 -5.13
CA TRP B 143 -17.02 5.40 -3.97
C TRP B 143 -15.62 4.88 -3.64
N ASP B 144 -15.35 3.59 -3.88
CA ASP B 144 -14.04 3.00 -3.58
C ASP B 144 -12.97 3.43 -4.59
N ASN B 145 -13.38 3.95 -5.75
CA ASN B 145 -12.45 4.22 -6.85
C ASN B 145 -12.08 5.71 -6.91
N MET B 146 -12.65 6.51 -6.00
CA MET B 146 -12.31 7.92 -5.78
C MET B 146 -11.45 8.04 -4.52
N THR B 147 -10.55 9.02 -4.48
CA THR B 147 -9.97 9.42 -3.22
C THR B 147 -10.92 10.38 -2.49
N MET B 148 -10.66 10.63 -1.21
CA MET B 148 -11.43 11.62 -0.48
C MET B 148 -11.09 13.01 -1.03
N LYS B 149 -9.99 13.16 -1.75
CA LYS B 149 -9.68 14.43 -2.37
C LYS B 149 -10.66 14.71 -3.51
N GLU B 150 -10.93 13.70 -4.35
CA GLU B 150 -11.93 13.84 -5.42
C GLU B 150 -13.31 14.14 -4.84
N LEU B 151 -13.74 13.34 -3.85
CA LEU B 151 -15.05 13.57 -3.25
C LEU B 151 -15.15 15.02 -2.76
N LEU B 152 -14.16 15.53 -2.04
CA LEU B 152 -14.25 16.89 -1.47
C LEU B 152 -14.22 17.94 -2.59
N ASP B 153 -13.53 17.64 -3.70
CA ASP B 153 -13.47 18.57 -4.83
C ASP B 153 -14.86 18.71 -5.44
N LYS B 154 -15.64 17.63 -5.48
CA LYS B 154 -17.02 17.61 -6.04
C LYS B 154 -17.99 18.32 -5.10
N LEU B 155 -17.79 18.13 -3.79
CA LEU B 155 -18.80 18.38 -2.78
C LEU B 155 -18.71 19.81 -2.24
N CYS B 156 -17.49 20.28 -2.01
CA CYS B 156 -17.24 21.54 -1.35
C CYS B 156 -17.09 22.66 -2.39
N TRP B 157 -18.07 23.57 -2.41
CA TRP B 157 -18.08 24.70 -3.35
C TRP B 157 -17.24 25.88 -2.83
N THR B 158 -16.92 25.90 -1.53
CA THR B 158 -16.10 26.97 -0.91
C THR B 158 -14.74 26.39 -0.48
N GLU B 159 -13.69 27.23 -0.50
CA GLU B 159 -12.36 26.82 -0.02
C GLU B 159 -12.41 26.56 1.48
N SER B 160 -13.22 27.36 2.19
CA SER B 160 -13.41 27.26 3.63
C SER B 160 -13.83 25.84 4.04
N ALA B 161 -14.92 25.35 3.47
CA ALA B 161 -15.37 24.01 3.78
C ALA B 161 -14.34 22.96 3.32
N LYS B 162 -13.66 23.19 2.20
CA LYS B 162 -12.78 22.15 1.65
C LYS B 162 -11.60 21.91 2.61
N GLN B 163 -11.10 22.99 3.20
CA GLN B 163 -9.97 22.96 4.10
C GLN B 163 -10.35 22.37 5.47
N LEU B 164 -11.55 22.66 5.97
CA LEU B 164 -11.99 22.11 7.25
C LEU B 164 -12.27 20.62 7.10
N ALA B 165 -12.81 20.23 5.94
CA ALA B 165 -13.05 18.82 5.62
C ALA B 165 -11.73 18.08 5.40
N THR B 166 -10.70 18.78 4.91
CA THR B 166 -9.35 18.16 4.69
C THR B 166 -8.68 17.88 6.03
N LEU B 167 -8.79 18.88 6.94
CA LEU B 167 -8.35 18.79 8.30
C LEU B 167 -9.05 17.60 8.96
N PHE B 168 -10.37 17.54 8.80
CA PHE B 168 -11.22 16.51 9.41
C PHE B 168 -10.70 15.12 9.02
N VAL B 169 -10.34 14.93 7.74
CA VAL B 169 -9.83 13.65 7.23
C VAL B 169 -8.44 13.39 7.82
N ASN B 170 -7.59 14.42 7.77
CA ASN B 170 -6.20 14.28 8.21
C ASN B 170 -6.17 13.84 9.68
N LEU B 171 -7.06 14.46 10.46
CA LEU B 171 -7.07 14.30 11.89
C LEU B 171 -7.64 12.93 12.29
N CYS B 172 -8.69 12.47 11.61
CA CYS B 172 -9.38 11.24 11.95
C CYS B 172 -8.56 10.02 11.55
N VAL B 173 -7.93 10.04 10.37
CA VAL B 173 -7.26 8.84 9.84
C VAL B 173 -5.77 9.07 9.54
N THR B 174 -5.20 10.21 9.96
CA THR B 174 -3.73 10.54 9.85
C THR B 174 -3.16 10.26 8.44
N ALA B 175 -3.95 10.56 7.41
CA ALA B 175 -3.52 10.47 6.04
C ALA B 175 -4.14 11.62 5.26
N GLU B 176 -3.57 11.84 4.08
CA GLU B 176 -3.98 12.89 3.18
C GLU B 176 -5.26 12.43 2.45
N THR B 177 -6.10 13.40 2.05
CA THR B 177 -7.33 13.16 1.34
C THR B 177 -7.06 12.36 0.06
N HIS B 178 -5.89 12.59 -0.54
CA HIS B 178 -5.56 11.97 -1.85
C HIS B 178 -5.01 10.54 -1.65
N GLU B 179 -4.72 10.15 -0.42
CA GLU B 179 -4.16 8.82 -0.15
C GLU B 179 -5.27 7.78 0.05
N VAL B 180 -6.49 8.20 0.45
CA VAL B 180 -7.50 7.27 0.97
C VAL B 180 -8.72 7.17 0.04
N SER B 181 -9.25 5.95 -0.04
CA SER B 181 -10.55 5.66 -0.63
C SER B 181 -11.67 6.44 0.07
N ALA B 182 -12.56 7.04 -0.73
CA ALA B 182 -13.76 7.68 -0.21
C ALA B 182 -14.65 6.65 0.49
N LEU B 183 -14.88 5.49 -0.15
CA LEU B 183 -15.71 4.43 0.47
C LEU B 183 -15.18 4.09 1.86
N TRP B 184 -13.87 3.87 1.98
CA TRP B 184 -13.28 3.45 3.24
C TRP B 184 -13.49 4.53 4.31
N PHE B 185 -13.22 5.78 3.95
CA PHE B 185 -13.29 6.87 4.89
C PHE B 185 -14.74 7.07 5.36
N LEU B 186 -15.69 6.95 4.45
CA LEU B 186 -17.10 7.08 4.80
C LEU B 186 -17.53 5.94 5.71
N TRP B 187 -17.01 4.75 5.45
CA TRP B 187 -17.28 3.62 6.30
C TRP B 187 -16.77 3.90 7.72
N TYR B 188 -15.51 4.35 7.77
CA TYR B 188 -14.80 4.59 8.97
C TYR B 188 -15.59 5.50 9.91
N VAL B 189 -16.08 6.62 9.38
CA VAL B 189 -16.83 7.62 10.14
C VAL B 189 -18.15 7.01 10.61
N LYS B 190 -18.80 6.30 9.70
CA LYS B 190 -20.11 5.73 9.90
C LYS B 190 -20.09 4.70 11.03
N GLN B 191 -19.05 3.87 11.06
CA GLN B 191 -18.93 2.78 12.03
C GLN B 191 -18.49 3.29 13.42
N CYS B 192 -18.13 4.58 13.52
CA CYS B 192 -17.94 5.25 14.80
C CYS B 192 -19.21 5.97 15.26
N GLY B 193 -20.27 5.94 14.46
CA GLY B 193 -21.56 6.54 14.84
C GLY B 193 -21.80 7.90 14.20
N GLY B 194 -21.07 8.25 13.15
CA GLY B 194 -21.33 9.50 12.39
C GLY B 194 -20.36 10.61 12.74
N THR B 195 -20.44 11.71 12.00
CA THR B 195 -19.56 12.86 12.15
C THR B 195 -19.59 13.41 13.58
N THR B 196 -20.79 13.65 14.12
CA THR B 196 -20.89 14.34 15.39
C THR B 196 -20.16 13.53 16.46
N ARG B 197 -20.50 12.24 16.53
CA ARG B 197 -19.97 11.34 17.55
C ARG B 197 -18.43 11.31 17.46
N ILE B 198 -17.89 11.26 16.23
CA ILE B 198 -16.47 11.02 16.04
C ILE B 198 -15.62 12.27 16.38
N ILE B 199 -16.19 13.47 16.25
CA ILE B 199 -15.41 14.72 16.44
C ILE B 199 -15.65 15.33 17.83
N SER B 200 -16.70 14.85 18.51
CA SER B 200 -17.15 15.47 19.78
C SER B 200 -16.26 15.01 20.95
N THR B 201 -15.98 15.96 21.85
CA THR B 201 -15.36 15.70 23.12
C THR B 201 -16.51 15.35 24.08
N THR B 202 -17.24 16.36 24.54
CA THR B 202 -18.46 16.07 25.27
C THR B 202 -19.34 15.22 24.36
N ASN B 203 -19.72 14.03 24.85
CA ASN B 203 -20.68 13.15 24.24
C ASN B 203 -20.12 12.50 22.96
N GLY B 204 -18.78 12.39 22.87
CA GLY B 204 -18.15 11.78 21.71
C GLY B 204 -16.91 11.00 22.07
N GLY B 205 -16.14 10.62 21.05
CA GLY B 205 -14.97 9.76 21.17
C GLY B 205 -13.87 10.32 22.07
N GLN B 206 -13.85 11.63 22.29
CA GLN B 206 -12.75 12.24 23.03
C GLN B 206 -13.20 12.68 24.44
N GLU B 207 -14.36 12.21 24.91
CA GLU B 207 -14.92 12.65 26.16
C GLU B 207 -14.00 12.35 27.36
N ARG B 208 -13.30 11.21 27.36
CA ARG B 208 -12.70 10.71 28.57
C ARG B 208 -11.31 10.13 28.34
N LYS B 209 -10.51 10.14 29.42
CA LYS B 209 -9.28 9.33 29.53
C LYS B 209 -9.32 8.43 30.77
N PHE B 210 -8.39 7.48 30.82
CA PHE B 210 -8.21 6.58 31.96
C PHE B 210 -7.21 7.18 32.97
N VAL B 211 -7.63 7.26 34.24
CA VAL B 211 -6.78 7.62 35.36
C VAL B 211 -5.60 6.64 35.40
N GLY B 212 -4.39 7.19 35.35
CA GLY B 212 -3.16 6.36 35.33
C GLY B 212 -2.73 5.92 33.94
N GLY B 213 -3.54 6.17 32.91
CA GLY B 213 -3.15 5.82 31.54
C GLY B 213 -3.83 4.56 31.02
N SER B 214 -3.98 4.51 29.69
CA SER B 214 -4.63 3.41 28.94
C SER B 214 -3.77 2.14 28.93
N GLY B 215 -2.45 2.30 29.02
CA GLY B 215 -1.50 1.17 29.00
C GLY B 215 -1.75 0.16 30.13
N GLN B 216 -2.51 0.59 31.15
CA GLN B 216 -2.93 -0.22 32.29
C GLN B 216 -3.87 -1.35 31.86
N VAL B 217 -4.60 -1.16 30.76
CA VAL B 217 -5.47 -2.21 30.32
C VAL B 217 -4.64 -3.45 29.98
N SER B 218 -3.58 -3.29 29.19
CA SER B 218 -2.77 -4.40 28.76
C SER B 218 -1.88 -4.92 29.89
N GLU B 219 -1.28 -4.00 30.67
CA GLU B 219 -0.40 -4.36 31.82
C GLU B 219 -1.17 -5.25 32.80
N ARG B 220 -2.43 -4.91 33.06
CA ARG B 220 -3.20 -5.60 34.09
C ARG B 220 -3.72 -6.95 33.58
N ILE B 221 -4.01 -7.04 32.29
CA ILE B 221 -4.35 -8.32 31.70
C ILE B 221 -3.10 -9.20 31.69
N MET B 222 -1.93 -8.65 31.33
CA MET B 222 -0.68 -9.42 31.44
C MET B 222 -0.50 -9.90 32.89
N ASP B 223 -0.88 -9.06 33.88
CA ASP B 223 -0.76 -9.37 35.33
C ASP B 223 -1.63 -10.62 35.64
N LEU B 224 -2.83 -10.70 35.04
CA LEU B 224 -3.80 -11.77 35.22
C LEU B 224 -3.33 -13.09 34.59
N LEU B 225 -2.50 -13.02 33.53
CA LEU B 225 -2.10 -14.21 32.77
C LEU B 225 -0.72 -14.73 33.21
N GLY B 226 -0.03 -13.97 34.07
CA GLY B 226 1.29 -14.30 34.61
C GLY B 226 2.29 -14.61 33.53
N ASP B 227 2.84 -15.84 33.56
CA ASP B 227 3.97 -16.22 32.74
C ASP B 227 3.50 -16.67 31.35
N ARG B 228 2.19 -16.64 31.10
CA ARG B 228 1.61 -17.04 29.83
C ARG B 228 1.88 -16.00 28.72
N VAL B 229 2.38 -14.81 29.08
CA VAL B 229 2.70 -13.77 28.11
C VAL B 229 4.24 -13.75 27.91
N LYS B 230 4.69 -13.90 26.67
CA LYS B 230 6.13 -14.01 26.33
C LYS B 230 6.60 -12.75 25.57
N LEU B 231 7.29 -11.86 26.27
CA LEU B 231 7.81 -10.62 25.73
C LEU B 231 9.08 -10.92 24.93
N GLU B 232 9.40 -10.03 23.97
CA GLU B 232 10.53 -10.20 23.05
C GLU B 232 10.47 -11.54 22.31
N ARG B 233 9.25 -11.95 21.92
CA ARG B 233 9.02 -13.12 21.08
C ARG B 233 8.31 -12.67 19.80
N PRO B 234 9.02 -12.04 18.83
CA PRO B 234 8.44 -11.77 17.53
C PRO B 234 8.20 -13.09 16.79
N VAL B 235 6.95 -13.34 16.37
CA VAL B 235 6.63 -14.49 15.55
C VAL B 235 7.16 -14.25 14.13
N ILE B 236 7.80 -15.29 13.56
CA ILE B 236 8.43 -15.25 12.22
C ILE B 236 7.88 -16.31 11.27
N TYR B 237 7.12 -17.28 11.78
CA TYR B 237 6.84 -18.48 11.02
C TYR B 237 5.63 -19.19 11.60
N ILE B 238 4.59 -19.37 10.79
CA ILE B 238 3.45 -20.17 11.18
C ILE B 238 3.25 -21.30 10.16
N ASP B 239 3.17 -22.53 10.70
CA ASP B 239 3.11 -23.77 9.90
C ASP B 239 1.82 -24.53 10.26
N GLN B 240 0.93 -24.71 9.26
CA GLN B 240 -0.34 -25.41 9.45
C GLN B 240 -0.39 -26.72 8.64
N THR B 241 0.77 -27.24 8.20
CA THR B 241 0.79 -28.47 7.39
C THR B 241 0.30 -29.64 8.26
N ARG B 242 0.79 -29.70 9.51
CA ARG B 242 0.68 -30.88 10.40
C ARG B 242 -0.62 -30.81 11.23
N GLU B 243 -0.72 -31.74 12.19
CA GLU B 243 -1.90 -32.00 13.06
C GLU B 243 -2.21 -30.78 13.93
N ASN B 244 -1.19 -30.29 14.65
CA ASN B 244 -1.24 -29.05 15.44
C ASN B 244 -0.54 -27.93 14.66
N VAL B 245 -0.88 -26.68 14.99
CA VAL B 245 -0.25 -25.47 14.42
C VAL B 245 1.08 -25.23 15.14
N LEU B 246 2.14 -25.00 14.36
CA LEU B 246 3.49 -24.66 14.89
C LEU B 246 3.79 -23.17 14.64
N VAL B 247 4.08 -22.43 15.72
CA VAL B 247 4.41 -21.00 15.67
C VAL B 247 5.83 -20.82 16.17
N GLU B 248 6.71 -20.27 15.33
CA GLU B 248 8.13 -20.09 15.67
C GLU B 248 8.44 -18.59 15.87
N THR B 249 9.33 -18.30 16.82
CA THR B 249 9.71 -16.93 17.17
C THR B 249 11.15 -16.66 16.72
N LEU B 250 11.51 -15.38 16.74
CA LEU B 250 12.78 -14.92 16.25
C LEU B 250 13.91 -15.45 17.15
N ASN B 251 13.65 -15.50 18.46
CA ASN B 251 14.59 -16.05 19.46
C ASN B 251 14.55 -17.59 19.47
N HIS B 252 13.91 -18.19 18.46
CA HIS B 252 14.09 -19.60 18.06
C HIS B 252 13.10 -20.56 18.74
N GLU B 253 12.29 -20.08 19.70
CA GLU B 253 11.36 -20.92 20.45
C GLU B 253 10.22 -21.43 19.55
N MET B 254 9.71 -22.62 19.87
CA MET B 254 8.66 -23.30 19.12
C MET B 254 7.41 -23.43 20.00
N TYR B 255 6.28 -22.94 19.50
CA TYR B 255 5.01 -23.01 20.19
C TYR B 255 4.05 -23.79 19.29
N GLU B 256 3.26 -24.66 19.91
CA GLU B 256 2.43 -25.63 19.23
C GLU B 256 1.05 -25.51 19.86
N ALA B 257 0.03 -25.45 19.01
CA ALA B 257 -1.32 -25.13 19.47
C ALA B 257 -2.37 -25.67 18.50
N LYS B 258 -3.63 -25.63 18.95
CA LYS B 258 -4.74 -26.05 18.16
C LYS B 258 -5.17 -24.91 17.24
N TYR B 259 -5.07 -23.67 17.74
CA TYR B 259 -5.49 -22.48 17.00
C TYR B 259 -4.59 -21.28 17.31
N VAL B 260 -4.52 -20.36 16.34
CA VAL B 260 -3.80 -19.13 16.46
C VAL B 260 -4.79 -17.99 16.24
N ILE B 261 -4.61 -16.93 17.04
CA ILE B 261 -5.18 -15.64 16.78
C ILE B 261 -4.01 -14.73 16.38
N SER B 262 -4.17 -14.11 15.20
CA SER B 262 -3.32 -13.00 14.74
C SER B 262 -4.00 -11.70 15.19
N ALA B 263 -3.40 -11.05 16.18
CA ALA B 263 -3.93 -9.81 16.74
C ALA B 263 -2.93 -8.68 16.47
N ILE B 264 -2.45 -8.61 15.22
CA ILE B 264 -1.52 -7.61 14.77
C ILE B 264 -2.17 -6.84 13.63
N PRO B 265 -1.65 -5.62 13.28
CA PRO B 265 -2.17 -4.89 12.14
C PRO B 265 -1.98 -5.71 10.87
N PRO B 266 -2.99 -5.78 9.99
CA PRO B 266 -2.92 -6.63 8.79
C PRO B 266 -1.57 -6.63 8.06
N THR B 267 -0.96 -5.46 7.85
CA THR B 267 0.25 -5.40 7.05
C THR B 267 1.43 -6.08 7.78
N LEU B 268 1.40 -6.09 9.13
CA LEU B 268 2.47 -6.71 9.89
C LEU B 268 2.43 -8.24 9.73
N GLY B 269 1.33 -8.77 9.20
CA GLY B 269 1.25 -10.12 8.64
C GLY B 269 2.41 -10.48 7.71
N MET B 270 2.99 -9.49 7.03
CA MET B 270 4.10 -9.72 6.11
C MET B 270 5.38 -10.16 6.84
N LYS B 271 5.53 -9.77 8.10
CA LYS B 271 6.71 -10.15 8.87
C LYS B 271 6.71 -11.65 9.22
N ILE B 272 5.62 -12.37 8.92
CA ILE B 272 5.48 -13.79 9.21
C ILE B 272 5.60 -14.58 7.91
N HIS B 273 6.45 -15.61 7.88
CA HIS B 273 6.50 -16.60 6.79
C HIS B 273 5.45 -17.68 7.06
N PHE B 274 4.63 -17.99 6.06
CA PHE B 274 3.57 -18.95 6.24
C PHE B 274 3.83 -20.20 5.41
N ASN B 275 3.37 -21.33 5.96
CA ASN B 275 3.46 -22.62 5.37
C ASN B 275 2.20 -23.38 5.78
N PRO B 276 1.35 -23.79 4.83
CA PRO B 276 1.48 -23.46 3.41
C PRO B 276 1.36 -21.95 3.18
N PRO B 277 1.74 -21.45 1.99
CA PRO B 277 1.60 -20.02 1.69
C PRO B 277 0.14 -19.57 1.92
N LEU B 278 -0.04 -18.26 2.10
CA LEU B 278 -1.36 -17.68 2.28
C LEU B 278 -2.17 -17.84 0.99
N PRO B 279 -3.51 -17.89 1.09
CA PRO B 279 -4.37 -17.77 -0.09
C PRO B 279 -4.00 -16.48 -0.83
N MET B 280 -4.23 -16.46 -2.14
CA MET B 280 -3.86 -15.37 -3.02
C MET B 280 -4.32 -14.01 -2.47
N MET B 281 -5.60 -13.92 -2.11
CA MET B 281 -6.24 -12.66 -1.80
C MET B 281 -5.62 -12.04 -0.54
N ARG B 282 -5.32 -12.86 0.46
CA ARG B 282 -4.70 -12.31 1.67
C ARG B 282 -3.22 -11.99 1.40
N ASN B 283 -2.54 -12.83 0.60
CA ASN B 283 -1.14 -12.62 0.25
C ASN B 283 -0.97 -11.19 -0.31
N GLN B 284 -1.89 -10.75 -1.17
CA GLN B 284 -1.78 -9.39 -1.78
C GLN B 284 -2.37 -8.34 -0.83
N MET B 285 -3.43 -8.68 -0.10
CA MET B 285 -4.11 -7.70 0.78
C MET B 285 -3.10 -7.07 1.73
N ILE B 286 -2.29 -7.90 2.39
CA ILE B 286 -1.39 -7.45 3.47
C ILE B 286 -0.24 -6.57 2.92
N THR B 287 -0.19 -6.33 1.60
CA THR B 287 0.80 -5.43 0.99
C THR B 287 0.12 -4.12 0.58
N ARG B 288 -1.19 -4.04 0.71
CA ARG B 288 -1.95 -2.98 0.15
C ARG B 288 -2.60 -2.11 1.24
N VAL B 289 -2.17 -2.26 2.51
CA VAL B 289 -2.96 -1.67 3.64
C VAL B 289 -2.02 -1.02 4.65
N PRO B 290 -1.56 0.22 4.41
CA PRO B 290 -0.64 0.88 5.32
C PRO B 290 -1.35 1.53 6.53
N LEU B 291 -0.55 2.00 7.50
CA LEU B 291 -1.07 2.80 8.59
C LEU B 291 -0.60 4.25 8.39
N GLY B 292 -1.34 5.17 9.01
CA GLY B 292 -1.09 6.59 8.96
C GLY B 292 0.21 6.99 9.64
N SER B 293 0.43 8.30 9.68
CA SER B 293 1.66 8.90 10.12
C SER B 293 1.32 9.99 11.13
N VAL B 294 1.89 9.90 12.33
CA VAL B 294 1.55 10.80 13.40
C VAL B 294 2.66 10.84 14.46
N ILE B 295 2.82 12.04 15.02
CA ILE B 295 3.60 12.29 16.20
C ILE B 295 2.65 12.89 17.24
N LYS B 296 2.59 12.25 18.41
CA LYS B 296 1.84 12.79 19.50
C LYS B 296 2.80 13.60 20.36
N CYS B 297 2.40 14.83 20.69
CA CYS B 297 3.24 15.81 21.35
C CYS B 297 2.47 16.39 22.52
N ILE B 298 3.13 16.44 23.68
CA ILE B 298 2.55 16.97 24.92
C ILE B 298 3.55 17.96 25.52
N VAL B 299 3.14 19.22 25.61
CA VAL B 299 3.88 20.31 26.20
C VAL B 299 3.28 20.60 27.59
N TYR B 300 4.15 20.62 28.60
CA TYR B 300 3.77 20.86 30.02
C TYR B 300 4.04 22.31 30.41
N TYR B 301 3.14 22.85 31.23
CA TYR B 301 3.19 24.21 31.72
C TYR B 301 2.96 24.18 33.22
N LYS B 302 3.39 25.25 33.89
CA LYS B 302 3.24 25.42 35.34
C LYS B 302 1.76 25.34 35.70
N GLU B 303 0.89 25.98 34.92
CA GLU B 303 -0.56 26.01 35.19
C GLU B 303 -1.35 25.86 33.89
N PRO B 304 -2.65 25.49 33.97
CA PRO B 304 -3.56 25.56 32.82
C PRO B 304 -4.00 26.99 32.51
N PHE B 305 -3.05 27.82 32.08
CA PHE B 305 -3.25 29.30 32.00
C PHE B 305 -4.36 29.68 31.02
N TRP B 306 -4.58 28.84 30.01
CA TRP B 306 -5.61 29.08 29.04
C TRP B 306 -7.00 29.19 29.69
N ARG B 307 -7.23 28.44 30.76
CA ARG B 307 -8.49 28.45 31.47
C ARG B 307 -8.78 29.83 32.04
N LYS B 308 -7.77 30.61 32.37
CA LYS B 308 -7.97 31.99 32.89
C LYS B 308 -8.64 32.89 31.83
N LYS B 309 -8.41 32.62 30.53
CA LYS B 309 -8.98 33.39 29.41
C LYS B 309 -10.29 32.78 28.90
N ASP B 310 -10.86 31.82 29.66
CA ASP B 310 -12.10 31.10 29.25
C ASP B 310 -11.87 30.34 27.93
N TYR B 311 -10.68 29.72 27.78
CA TYR B 311 -10.38 28.72 26.77
C TYR B 311 -10.18 27.36 27.43
N CYS B 312 -10.67 26.28 26.80
CA CYS B 312 -10.59 24.96 27.39
C CYS B 312 -9.28 24.27 26.99
N GLY B 313 -8.61 24.76 25.94
CA GLY B 313 -7.35 24.18 25.51
C GLY B 313 -7.49 23.43 24.19
N THR B 314 -8.73 23.30 23.72
CA THR B 314 -9.03 22.78 22.42
C THR B 314 -8.77 23.85 21.35
N MET B 315 -7.87 23.53 20.41
CA MET B 315 -7.52 24.41 19.32
C MET B 315 -7.70 23.62 18.02
N ILE B 316 -8.40 24.22 17.06
CA ILE B 316 -8.51 23.74 15.67
C ILE B 316 -7.82 24.79 14.80
N ILE B 317 -6.72 24.38 14.18
CA ILE B 317 -5.77 25.30 13.60
C ILE B 317 -5.67 25.01 12.10
N ASP B 318 -6.26 25.91 11.30
CA ASP B 318 -6.24 25.77 9.84
C ASP B 318 -4.83 26.08 9.32
N GLY B 319 -4.46 25.42 8.22
CA GLY B 319 -3.39 25.88 7.34
C GLY B 319 -2.16 24.99 7.37
N GLU B 320 -1.30 25.22 6.38
CA GLU B 320 -0.15 24.40 6.06
C GLU B 320 1.00 24.65 7.04
N GLU B 321 1.10 25.90 7.49
CA GLU B 321 2.26 26.39 8.21
C GLU B 321 2.23 25.83 9.64
N ALA B 322 1.02 25.58 10.17
CA ALA B 322 0.84 25.06 11.53
C ALA B 322 1.39 23.64 11.63
N PRO B 323 2.30 23.34 12.57
CA PRO B 323 2.78 21.97 12.75
C PRO B 323 1.67 21.03 13.29
N VAL B 324 0.79 21.59 14.11
CA VAL B 324 -0.27 20.89 14.77
C VAL B 324 -1.60 21.51 14.33
N ALA B 325 -2.58 20.68 13.97
CA ALA B 325 -3.87 21.15 13.51
C ALA B 325 -4.92 21.04 14.61
N TYR B 326 -4.58 20.36 15.71
CA TYR B 326 -5.55 20.01 16.72
C TYR B 326 -4.86 19.71 18.06
N THR B 327 -5.42 20.29 19.12
CA THR B 327 -4.95 20.15 20.48
C THR B 327 -6.12 19.90 21.42
N LEU B 328 -5.83 19.24 22.54
CA LEU B 328 -6.76 19.18 23.66
C LEU B 328 -5.98 19.46 24.96
N ASP B 329 -6.72 19.81 26.01
CA ASP B 329 -6.17 19.92 27.35
C ASP B 329 -5.79 18.53 27.84
N ASP B 330 -4.54 18.35 28.26
CA ASP B 330 -4.07 17.11 28.81
C ASP B 330 -3.71 17.25 30.31
N THR B 331 -4.29 18.27 30.97
CA THR B 331 -4.13 18.46 32.43
C THR B 331 -4.78 17.26 33.14
N LYS B 332 -4.12 16.73 34.18
CA LYS B 332 -4.70 15.70 35.09
C LYS B 332 -5.99 16.21 35.70
N PRO B 333 -6.90 15.31 36.13
CA PRO B 333 -8.19 15.73 36.70
C PRO B 333 -8.04 16.57 37.97
N GLU B 334 -6.89 16.44 38.63
CA GLU B 334 -6.62 17.11 39.90
C GLU B 334 -6.22 18.59 39.66
N GLY B 335 -5.90 18.98 38.41
CA GLY B 335 -5.63 20.39 38.02
C GLY B 335 -4.15 20.66 37.86
N ASN B 336 -3.34 19.61 37.98
CA ASN B 336 -1.89 19.72 38.02
C ASN B 336 -1.33 18.99 36.80
N TYR B 337 -0.01 19.06 36.64
CA TYR B 337 0.70 18.63 35.45
C TYR B 337 0.00 19.24 34.22
N ALA B 338 -0.28 20.55 34.29
CA ALA B 338 -0.93 21.29 33.20
C ALA B 338 -0.23 20.95 31.87
N ALA B 339 -1.04 20.70 30.84
CA ALA B 339 -0.49 20.24 29.57
C ALA B 339 -1.48 20.48 28.44
N ILE B 340 -0.89 20.57 27.24
CA ILE B 340 -1.58 20.66 26.01
C ILE B 340 -1.09 19.50 25.14
N MET B 341 -2.02 18.71 24.65
CA MET B 341 -1.69 17.58 23.75
C MET B 341 -1.97 18.00 22.31
N GLY B 342 -1.02 17.76 21.41
CA GLY B 342 -1.19 18.07 19.99
C GLY B 342 -0.77 16.91 19.10
N PHE B 343 -1.39 16.81 17.93
CA PHE B 343 -1.05 15.82 16.92
C PHE B 343 -0.40 16.50 15.71
N ILE B 344 0.76 16.00 15.28
CA ILE B 344 1.40 16.39 14.01
C ILE B 344 1.08 15.29 13.00
N LEU B 345 0.31 15.63 11.95
CA LEU B 345 -0.44 14.66 11.14
C LEU B 345 0.16 14.48 9.75
N ALA B 346 0.16 13.22 9.30
CA ALA B 346 0.29 12.91 7.89
C ALA B 346 1.60 13.49 7.36
N HIS B 347 1.54 14.35 6.34
CA HIS B 347 2.76 14.79 5.67
C HIS B 347 3.60 15.69 6.60
N LYS B 348 2.94 16.37 7.53
CA LYS B 348 3.64 17.26 8.47
C LYS B 348 4.45 16.40 9.44
N ALA B 349 3.99 15.16 9.68
CA ALA B 349 4.76 14.23 10.50
C ALA B 349 6.04 13.83 9.76
N ARG B 350 5.93 13.50 8.47
CA ARG B 350 7.11 13.13 7.66
C ARG B 350 8.12 14.29 7.66
N LYS B 351 7.60 15.52 7.53
CA LYS B 351 8.41 16.74 7.33
C LYS B 351 9.09 17.15 8.63
N LEU B 352 8.33 17.26 9.72
CA LEU B 352 8.84 17.83 10.99
C LEU B 352 9.65 16.80 11.79
N ALA B 353 9.67 15.54 11.34
CA ALA B 353 10.42 14.49 12.04
C ALA B 353 11.93 14.67 11.88
N ARG B 354 12.36 15.44 10.86
CA ARG B 354 13.77 15.71 10.55
C ARG B 354 14.36 16.64 11.61
N LEU B 355 13.52 17.50 12.18
CA LEU B 355 13.89 18.44 13.24
C LEU B 355 14.35 17.68 14.50
N THR B 356 14.95 18.41 15.44
CA THR B 356 15.25 17.89 16.77
C THR B 356 13.99 18.02 17.62
N LYS B 357 13.98 17.27 18.72
CA LYS B 357 12.96 17.37 19.75
C LYS B 357 12.83 18.84 20.21
N GLU B 358 13.95 19.53 20.41
CA GLU B 358 13.93 20.92 20.91
C GLU B 358 13.26 21.82 19.87
N GLU B 359 13.55 21.56 18.59
CA GLU B 359 13.09 22.36 17.46
C GLU B 359 11.55 22.23 17.34
N ARG B 360 11.03 21.01 17.50
CA ARG B 360 9.59 20.78 17.51
C ARG B 360 8.96 21.56 18.69
N LEU B 361 9.59 21.50 19.86
CA LEU B 361 9.02 22.12 21.07
C LEU B 361 8.88 23.64 20.86
N LYS B 362 9.93 24.25 20.31
CA LYS B 362 9.93 25.68 20.03
C LYS B 362 8.77 26.03 19.08
N LYS B 363 8.66 25.33 17.96
CA LYS B 363 7.58 25.58 16.97
C LYS B 363 6.18 25.47 17.61
N LEU B 364 5.98 24.44 18.43
CA LEU B 364 4.69 24.19 19.08
C LEU B 364 4.35 25.31 20.07
N CYS B 365 5.32 25.68 20.90
CA CYS B 365 5.13 26.76 21.86
C CYS B 365 4.82 28.09 21.17
N GLU B 366 5.49 28.38 20.05
CA GLU B 366 5.26 29.65 19.34
C GLU B 366 3.83 29.65 18.76
N LEU B 367 3.41 28.52 18.18
CA LEU B 367 2.07 28.35 17.66
C LEU B 367 1.01 28.56 18.75
N TYR B 368 1.18 27.89 19.88
CA TYR B 368 0.18 27.96 20.95
C TYR B 368 0.15 29.38 21.51
N ALA B 369 1.30 30.05 21.54
CA ALA B 369 1.32 31.43 22.00
C ALA B 369 0.39 32.27 21.13
N LYS B 370 0.45 32.03 19.81
CA LYS B 370 -0.33 32.82 18.88
C LYS B 370 -1.81 32.44 19.02
N VAL B 371 -2.12 31.15 19.12
CA VAL B 371 -3.49 30.71 19.02
C VAL B 371 -4.21 31.04 20.33
N LEU B 372 -3.54 30.80 21.46
CA LEU B 372 -4.11 31.12 22.77
C LEU B 372 -3.88 32.58 23.13
N GLY B 373 -3.00 33.26 22.41
CA GLY B 373 -2.78 34.71 22.62
C GLY B 373 -2.19 34.97 23.99
N SER B 374 -1.08 34.28 24.28
CA SER B 374 -0.48 34.27 25.61
C SER B 374 1.00 33.93 25.54
N LEU B 375 1.81 34.78 26.18
CA LEU B 375 3.23 34.55 26.30
C LEU B 375 3.51 33.38 27.25
N GLU B 376 2.52 32.99 28.04
CA GLU B 376 2.74 31.86 28.97
C GLU B 376 3.06 30.58 28.20
N ALA B 377 2.65 30.49 26.94
CA ALA B 377 2.87 29.31 26.09
C ALA B 377 4.34 29.15 25.70
N LEU B 378 5.14 30.21 25.90
CA LEU B 378 6.54 30.25 25.49
C LEU B 378 7.45 29.70 26.60
N GLU B 379 6.86 29.28 27.74
CA GLU B 379 7.58 28.95 28.99
C GLU B 379 7.22 27.53 29.43
N PRO B 380 7.47 26.52 28.57
CA PRO B 380 7.16 25.13 28.93
C PRO B 380 8.10 24.63 30.01
N VAL B 381 7.63 23.75 30.90
CA VAL B 381 8.45 23.17 31.98
C VAL B 381 8.92 21.77 31.58
N HIS B 382 8.30 21.15 30.57
CA HIS B 382 8.61 19.78 30.16
C HIS B 382 7.97 19.49 28.79
N TYR B 383 8.51 18.48 28.09
CA TYR B 383 8.06 18.07 26.78
C TYR B 383 8.21 16.55 26.60
N GLU B 384 7.16 15.91 26.09
CA GLU B 384 7.20 14.49 25.73
C GLU B 384 6.58 14.31 24.33
N GLU B 385 7.10 13.36 23.57
CA GLU B 385 6.56 13.13 22.26
C GLU B 385 6.81 11.69 21.85
N LYS B 386 5.99 11.20 20.92
CA LYS B 386 6.25 9.93 20.28
C LYS B 386 5.86 9.98 18.81
N ASN B 387 6.80 9.52 17.98
CA ASN B 387 6.68 9.36 16.53
C ASN B 387 6.42 7.88 16.21
N TRP B 388 5.19 7.55 15.80
CA TRP B 388 4.79 6.16 15.68
C TRP B 388 5.20 5.58 14.31
N CYS B 389 5.66 6.47 13.42
CA CYS B 389 6.09 6.11 12.09
C CYS B 389 7.34 5.24 12.19
N GLU B 390 8.09 5.37 13.30
CA GLU B 390 9.39 4.69 13.39
C GLU B 390 9.30 3.28 14.02
N GLU B 391 8.08 2.82 14.38
CA GLU B 391 7.85 1.54 15.08
C GLU B 391 7.74 0.37 14.10
N GLN B 392 8.77 -0.48 14.09
CA GLN B 392 8.78 -1.76 13.34
C GLN B 392 7.50 -2.57 13.61
N TYR B 393 6.97 -2.56 14.84
CA TYR B 393 5.90 -3.51 15.21
C TYR B 393 4.54 -2.79 15.39
N SER B 394 4.42 -1.57 14.87
CA SER B 394 3.14 -0.89 14.71
C SER B 394 2.96 -0.47 13.25
N GLY B 395 3.96 0.21 12.70
CA GLY B 395 3.94 0.63 11.30
C GLY B 395 3.34 2.02 11.13
N GLY B 396 2.81 2.56 12.23
CA GLY B 396 2.18 3.85 12.23
C GLY B 396 1.02 3.90 13.19
N CYS B 397 0.23 4.96 13.05
CA CYS B 397 -0.93 5.21 13.90
C CYS B 397 -1.82 6.22 13.19
N TYR B 398 -3.11 6.25 13.54
CA TYR B 398 -3.69 5.44 14.60
C TYR B 398 -3.91 4.01 14.12
N THR B 399 -4.19 3.86 12.81
CA THR B 399 -4.74 2.62 12.25
C THR B 399 -4.41 2.52 10.76
N THR B 400 -4.82 1.39 10.18
CA THR B 400 -4.65 1.06 8.81
C THR B 400 -5.68 1.84 7.98
N TYR B 401 -5.21 2.46 6.89
CA TYR B 401 -6.12 3.06 5.93
C TYR B 401 -6.07 2.27 4.63
N PHE B 402 -7.16 2.37 3.87
CA PHE B 402 -7.34 1.73 2.57
C PHE B 402 -7.22 2.75 1.45
N PRO B 403 -6.21 2.60 0.57
CA PRO B 403 -6.12 3.42 -0.63
C PRO B 403 -7.24 3.10 -1.61
N PRO B 404 -7.46 3.94 -2.64
CA PRO B 404 -8.52 3.70 -3.60
C PRO B 404 -8.35 2.33 -4.27
N GLY B 405 -9.47 1.58 -4.32
CA GLY B 405 -9.56 0.32 -5.02
C GLY B 405 -9.50 -0.91 -4.11
N ILE B 406 -8.93 -0.78 -2.91
CA ILE B 406 -8.50 -1.99 -2.17
C ILE B 406 -9.64 -2.56 -1.32
N LEU B 407 -10.43 -1.71 -0.67
CA LEU B 407 -11.47 -2.19 0.23
C LEU B 407 -12.44 -3.12 -0.52
N THR B 408 -12.88 -2.73 -1.73
CA THR B 408 -13.86 -3.55 -2.51
C THR B 408 -13.24 -4.85 -3.01
N GLN B 409 -11.94 -4.79 -3.35
CA GLN B 409 -11.27 -5.94 -3.97
C GLN B 409 -10.77 -6.93 -2.93
N TYR B 410 -10.32 -6.45 -1.76
CA TYR B 410 -9.67 -7.31 -0.75
C TYR B 410 -10.36 -7.27 0.61
N GLY B 411 -11.33 -6.35 0.79
CA GLY B 411 -11.94 -6.09 2.11
C GLY B 411 -12.55 -7.33 2.74
N ARG B 412 -13.07 -8.24 1.90
CA ARG B 412 -13.72 -9.47 2.35
C ARG B 412 -12.76 -10.37 3.13
N VAL B 413 -11.45 -10.25 2.84
CA VAL B 413 -10.46 -11.24 3.29
C VAL B 413 -10.02 -10.92 4.72
N LEU B 414 -10.32 -9.69 5.21
CA LEU B 414 -9.79 -9.11 6.48
C LEU B 414 -9.93 -10.05 7.69
N ARG B 415 -11.16 -10.49 7.98
CA ARG B 415 -11.37 -11.32 9.17
C ARG B 415 -11.80 -12.75 8.80
N GLN B 416 -11.57 -13.13 7.54
CA GLN B 416 -11.76 -14.50 7.08
C GLN B 416 -10.68 -15.41 7.62
N PRO B 417 -11.04 -16.44 8.41
CA PRO B 417 -10.05 -17.39 8.94
C PRO B 417 -9.25 -18.07 7.81
N VAL B 418 -7.96 -18.27 8.06
CA VAL B 418 -7.10 -19.08 7.22
C VAL B 418 -6.78 -20.34 8.01
N ASP B 419 -7.57 -21.39 7.74
CA ASP B 419 -7.51 -22.72 8.38
C ASP B 419 -7.68 -22.55 9.89
N ARG B 420 -6.59 -22.60 10.66
CA ARG B 420 -6.67 -22.53 12.12
C ARG B 420 -6.14 -21.17 12.63
N ILE B 421 -5.91 -20.21 11.72
CA ILE B 421 -5.57 -18.83 12.08
C ILE B 421 -6.83 -17.98 12.02
N TYR B 422 -7.21 -17.37 13.15
CA TYR B 422 -8.33 -16.42 13.17
C TYR B 422 -7.77 -15.00 13.32
N PHE B 423 -8.53 -13.98 12.90
CA PHE B 423 -7.95 -12.63 12.78
C PHE B 423 -8.66 -11.65 13.73
N ALA B 424 -7.86 -11.06 14.62
CA ALA B 424 -8.33 -9.98 15.50
C ALA B 424 -7.59 -8.69 15.11
N GLY B 425 -7.36 -7.80 16.07
CA GLY B 425 -6.81 -6.49 15.81
C GLY B 425 -7.92 -5.50 15.53
N THR B 426 -7.74 -4.23 15.94
CA THR B 426 -8.80 -3.22 15.79
C THR B 426 -9.30 -3.15 14.35
N GLU B 427 -8.44 -3.42 13.36
CA GLU B 427 -8.76 -3.28 11.92
C GLU B 427 -9.93 -4.18 11.48
N THR B 428 -10.19 -5.27 12.22
CA THR B 428 -11.17 -6.27 11.87
C THR B 428 -12.48 -6.05 12.61
N ALA B 429 -12.57 -4.99 13.40
CA ALA B 429 -13.80 -4.70 14.12
C ALA B 429 -14.81 -4.02 13.20
N THR B 430 -16.07 -3.95 13.66
CA THR B 430 -17.18 -3.33 12.92
C THR B 430 -17.80 -2.11 13.63
N HIS B 431 -17.47 -1.90 14.92
CA HIS B 431 -17.84 -0.69 15.66
C HIS B 431 -16.53 -0.12 16.25
N TRP B 432 -16.26 1.17 15.97
CA TRP B 432 -15.07 1.87 16.39
C TRP B 432 -13.82 1.07 16.02
N SER B 433 -13.83 0.46 14.84
CA SER B 433 -12.61 -0.06 14.27
C SER B 433 -11.62 1.10 14.13
N GLY B 434 -10.37 0.82 14.47
CA GLY B 434 -9.32 1.82 14.54
C GLY B 434 -9.02 2.26 15.96
N TYR B 435 -9.96 2.02 16.89
CA TYR B 435 -9.90 2.52 18.27
C TYR B 435 -9.64 1.36 19.25
N MET B 436 -9.42 1.69 20.52
CA MET B 436 -9.24 0.67 21.58
C MET B 436 -10.54 -0.13 21.71
N GLU B 437 -11.70 0.51 21.57
CA GLU B 437 -12.98 -0.19 21.56
C GLU B 437 -12.96 -1.32 20.50
N GLY B 438 -12.63 -0.95 19.27
CA GLY B 438 -12.47 -1.88 18.18
C GLY B 438 -11.58 -3.05 18.56
N ALA B 439 -10.44 -2.77 19.20
CA ALA B 439 -9.47 -3.78 19.48
C ALA B 439 -10.06 -4.87 20.40
N VAL B 440 -10.92 -4.43 21.34
CA VAL B 440 -11.60 -5.30 22.32
C VAL B 440 -12.66 -6.13 21.62
N GLU B 441 -13.52 -5.49 20.82
CA GLU B 441 -14.56 -6.18 20.06
C GLU B 441 -13.98 -7.34 19.24
N ALA B 442 -12.83 -7.11 18.60
CA ALA B 442 -12.23 -8.00 17.60
C ALA B 442 -11.47 -9.14 18.27
N GLY B 443 -10.83 -8.88 19.40
CA GLY B 443 -10.10 -9.92 20.15
C GLY B 443 -11.07 -10.93 20.76
N GLU B 444 -12.20 -10.42 21.27
CA GLU B 444 -13.20 -11.18 21.94
C GLU B 444 -14.02 -11.97 20.90
N ARG B 445 -14.29 -11.37 19.72
CA ARG B 445 -14.95 -12.05 18.60
C ARG B 445 -14.05 -13.18 18.10
N ALA B 446 -12.80 -12.88 17.79
CA ALA B 446 -11.89 -13.88 17.27
C ALA B 446 -11.77 -15.03 18.26
N ALA B 447 -11.76 -14.73 19.56
CA ALA B 447 -11.64 -15.77 20.57
C ALA B 447 -12.90 -16.65 20.55
N ARG B 448 -14.08 -16.03 20.50
CA ARG B 448 -15.36 -16.74 20.48
C ARG B 448 -15.53 -17.53 19.17
N GLU B 449 -14.86 -17.17 18.06
CA GLU B 449 -14.89 -17.99 16.81
C GLU B 449 -14.15 -19.31 17.05
N ILE B 450 -13.04 -19.26 17.77
CA ILE B 450 -12.28 -20.44 18.14
C ILE B 450 -13.09 -21.32 19.11
N LEU B 451 -13.84 -20.70 20.03
CA LEU B 451 -14.71 -21.45 20.94
C LEU B 451 -15.75 -22.25 20.15
N HIS B 452 -16.30 -21.65 19.09
CA HIS B 452 -17.29 -22.30 18.22
C HIS B 452 -16.66 -23.44 17.39
N ALA B 453 -15.50 -23.18 16.75
CA ALA B 453 -14.74 -24.21 16.01
C ALA B 453 -14.47 -25.43 16.91
N MET B 454 -14.33 -25.20 18.22
CA MET B 454 -14.01 -26.22 19.22
C MET B 454 -15.24 -26.93 19.77
N GLY B 455 -16.45 -26.44 19.47
CA GLY B 455 -17.72 -27.07 19.90
C GLY B 455 -18.34 -26.43 21.15
N LYS B 456 -17.61 -25.51 21.81
CA LYS B 456 -17.96 -25.03 23.16
C LYS B 456 -19.12 -24.01 23.17
N ILE B 457 -19.33 -23.30 22.06
CA ILE B 457 -20.45 -22.34 22.01
C ILE B 457 -21.12 -22.41 20.65
N PRO B 458 -22.42 -22.04 20.53
CA PRO B 458 -23.11 -22.00 19.25
C PRO B 458 -22.60 -20.89 18.32
N GLU B 459 -23.10 -20.85 17.08
CA GLU B 459 -22.68 -19.87 16.10
C GLU B 459 -23.15 -18.46 16.49
N ASP B 460 -24.33 -18.36 17.12
CA ASP B 460 -25.02 -17.07 17.33
C ASP B 460 -24.39 -16.29 18.49
N GLU B 461 -23.38 -16.85 19.17
CA GLU B 461 -22.73 -16.26 20.37
C GLU B 461 -21.32 -15.73 20.03
N ILE B 462 -20.91 -15.86 18.77
CA ILE B 462 -19.64 -15.34 18.26
C ILE B 462 -19.65 -13.80 18.31
N TRP B 463 -20.77 -13.21 17.87
CA TRP B 463 -21.02 -11.78 17.88
C TRP B 463 -22.00 -11.47 19.02
N GLN B 464 -21.50 -10.76 20.03
CA GLN B 464 -22.18 -10.50 21.29
C GLN B 464 -22.37 -8.98 21.44
N SER B 465 -23.61 -8.56 21.68
CA SER B 465 -23.88 -7.17 22.00
C SER B 465 -23.25 -6.86 23.36
N GLU B 466 -23.23 -5.58 23.72
CA GLU B 466 -22.60 -5.08 24.96
C GLU B 466 -23.57 -4.11 25.64
N PRO B 467 -23.95 -4.32 26.91
CA PRO B 467 -24.83 -3.35 27.59
C PRO B 467 -24.12 -1.99 27.76
N GLU B 468 -24.89 -0.90 27.71
CA GLU B 468 -24.37 0.48 27.87
C GLU B 468 -23.68 0.64 29.23
N SER B 469 -22.48 1.24 29.24
CA SER B 469 -21.79 1.64 30.49
C SER B 469 -22.67 2.60 31.32
N VAL B 470 -22.84 2.31 32.61
CA VAL B 470 -23.63 3.20 33.52
C VAL B 470 -22.82 4.47 33.83
N ASP B 471 -21.49 4.37 33.82
CA ASP B 471 -20.57 5.49 34.11
C ASP B 471 -20.46 6.48 32.94
N VAL B 472 -20.64 5.99 31.71
CA VAL B 472 -20.45 6.77 30.50
C VAL B 472 -21.62 6.53 29.57
N PRO B 473 -22.84 6.96 29.95
CA PRO B 473 -23.99 6.83 29.07
C PRO B 473 -23.86 7.75 27.84
N ALA B 474 -24.43 7.31 26.71
CA ALA B 474 -24.48 8.07 25.49
C ALA B 474 -25.79 8.88 25.41
N GLN B 475 -25.69 10.20 25.19
CA GLN B 475 -26.85 11.02 24.86
C GLN B 475 -27.10 10.90 23.35
N PRO B 476 -28.35 11.02 22.86
CA PRO B 476 -28.60 10.89 21.42
C PRO B 476 -27.92 12.01 20.63
N ILE B 477 -27.58 11.71 19.36
CA ILE B 477 -27.12 12.68 18.35
C ILE B 477 -28.35 13.31 17.71
N THR B 478 -28.42 14.64 17.73
CA THR B 478 -29.57 15.34 17.17
C THR B 478 -29.10 16.33 16.11
N THR B 479 -30.05 16.75 15.27
CA THR B 479 -29.88 17.77 14.25
C THR B 479 -31.06 18.73 14.38
N THR B 480 -30.92 19.95 13.84
CA THR B 480 -32.02 20.92 13.72
C THR B 480 -32.75 20.72 12.39
N PHE B 481 -33.92 21.36 12.27
CA PHE B 481 -34.73 21.42 11.06
C PHE B 481 -33.93 22.09 9.92
N LEU B 482 -33.35 23.27 10.19
CA LEU B 482 -32.49 23.99 9.23
C LEU B 482 -31.36 23.09 8.73
N GLU B 483 -30.68 22.40 9.65
CA GLU B 483 -29.51 21.58 9.33
C GLU B 483 -29.87 20.46 8.34
N ARG B 484 -31.07 19.88 8.52
CA ARG B 484 -31.57 18.75 7.70
C ARG B 484 -32.06 19.25 6.32
N HIS B 485 -32.68 20.44 6.26
CA HIS B 485 -33.43 20.84 5.04
C HIS B 485 -32.82 22.04 4.31
N LEU B 486 -31.84 22.76 4.88
CA LEU B 486 -31.23 23.83 4.13
C LEU B 486 -30.52 23.24 2.90
N PRO B 487 -30.66 23.89 1.72
CA PRO B 487 -30.02 23.42 0.49
C PRO B 487 -28.49 23.54 0.48
N SER B 488 -27.86 22.77 -0.42
CA SER B 488 -26.44 22.88 -0.73
C SER B 488 -26.20 24.13 -1.59
N VAL B 489 -24.93 24.49 -1.84
CA VAL B 489 -24.67 25.63 -2.73
C VAL B 489 -25.30 25.30 -4.10
N PRO B 490 -24.99 24.15 -4.76
CA PRO B 490 -25.61 23.82 -6.04
C PRO B 490 -27.15 23.76 -6.01
N GLY B 491 -27.71 23.34 -4.88
CA GLY B 491 -29.17 23.32 -4.68
C GLY B 491 -29.79 24.72 -4.61
N LEU B 492 -29.05 25.68 -4.03
CA LEU B 492 -29.49 27.07 -4.00
C LEU B 492 -29.45 27.63 -5.43
N LEU B 493 -28.50 27.16 -6.25
CA LEU B 493 -28.30 27.62 -7.64
C LEU B 493 -29.30 26.96 -8.59
N ARG B 494 -29.80 25.76 -8.27
CA ARG B 494 -30.86 25.12 -9.05
C ARG B 494 -32.24 25.69 -8.65
N LEU B 495 -32.27 26.59 -7.66
CA LEU B 495 -33.46 27.39 -7.34
C LEU B 495 -33.32 28.81 -7.93
N ILE B 496 -32.28 29.05 -8.75
CA ILE B 496 -31.97 30.39 -9.31
C ILE B 496 -31.46 30.23 -10.75
#